data_8ZAF
#
_entry.id   8ZAF
#
_cell.length_a   220.216
_cell.length_b   107.800
_cell.length_c   81.529
_cell.angle_alpha   90.00
_cell.angle_beta   103.65
_cell.angle_gamma   90.00
#
_symmetry.space_group_name_H-M   'C 1 2 1'
#
loop_
_entity.id
_entity.type
_entity.pdbx_description
1 polymer 'Sesquiterpene synthases'
2 non-polymer 'ZINC ION'
3 non-polymer 'SULFATE ION'
4 water water
#
_entity_poly.entity_id   1
_entity_poly.type   'polypeptide(L)'
_entity_poly.pdbx_seq_one_letter_code
;HHHHHHENLYFQGMNFDLNNEQKSITARISDQDQLHYPKEIENDLMNCGLTEKERVEILATAWEYVRCGVPEFTNWEKYI
AFVRLTALTTVAEYRGKLVDIDRLLTPGEYVLGYPVRELLDTLFAGTSVYEAMLQEYASCLLFMAEKTRDHQSDLCKKYI
EAIASSPSRYYRLRDCDAQVRLFIAAAVACNDLDPDFTEMEYQAMAEIGITLYDAVAFYKHRAEAEVSNLYAYCGQDLEF
RQEVYQTARSTLWALETMWCKTVQGRSAINLLKNLPLIHMSMRRYRFVEDGLTIGKPETSAVVRAARNHVKLWYRNDAAS
NSPAEMERSFESVQYMLYPELKEALQLPITEMCQKCTRREVYGGVSEEGQFGGVVLCKDSQEEWRHYVRSSESRHLDWLG
FLN
;
_entity_poly.pdbx_strand_id   A,B,C
#
# COMPACT_ATOMS: atom_id res chain seq x y z
N GLN A 34 -6.54 13.06 -10.69
CA GLN A 34 -6.37 14.56 -10.72
C GLN A 34 -6.25 15.07 -9.28
N LEU A 35 -5.34 16.02 -9.03
CA LEU A 35 -5.17 16.70 -7.72
C LEU A 35 -6.06 17.94 -7.74
N HIS A 36 -6.69 18.30 -6.60
CA HIS A 36 -7.61 19.47 -6.52
C HIS A 36 -7.16 20.34 -5.31
N TYR A 37 -7.30 21.64 -5.46
CA TYR A 37 -7.04 22.61 -4.38
C TYR A 37 -7.67 23.94 -4.81
N PRO A 38 -7.84 24.90 -3.91
CA PRO A 38 -8.55 26.13 -4.26
C PRO A 38 -7.76 26.90 -5.34
N LYS A 39 -8.48 27.58 -6.21
CA LYS A 39 -7.93 28.58 -7.20
C LYS A 39 -6.99 29.60 -6.52
N GLU A 40 -7.33 30.05 -5.32
CA GLU A 40 -6.54 31.05 -4.55
C GLU A 40 -5.08 30.65 -4.62
N ILE A 41 -4.75 29.36 -4.50
CA ILE A 41 -3.32 28.96 -4.35
C ILE A 41 -2.72 28.43 -5.63
N GLU A 42 -3.46 28.40 -6.74
CA GLU A 42 -3.03 27.60 -7.91
C GLU A 42 -1.75 28.16 -8.54
N ASN A 43 -1.43 29.43 -8.33
CA ASN A 43 -0.18 30.00 -8.91
C ASN A 43 0.92 30.16 -7.85
N ASP A 44 0.80 29.56 -6.66
CA ASP A 44 1.85 29.66 -5.60
C ASP A 44 3.08 28.85 -6.01
N LEU A 45 4.23 29.20 -5.46
CA LEU A 45 5.51 28.42 -5.49
C LEU A 45 6.05 28.35 -6.94
N MET A 46 5.69 29.30 -7.80
CA MET A 46 6.22 29.43 -9.20
C MET A 46 7.62 30.06 -9.12
N ASN A 47 8.54 29.57 -9.94
CA ASN A 47 9.89 30.13 -10.07
C ASN A 47 10.69 29.89 -8.79
N CYS A 48 10.54 28.73 -8.14
CA CYS A 48 11.18 28.45 -6.81
C CYS A 48 12.13 27.26 -6.88
N GLY A 49 12.34 26.63 -8.04
CA GLY A 49 13.24 25.47 -8.10
C GLY A 49 12.46 24.16 -8.16
N LEU A 50 11.15 24.21 -8.27
CA LEU A 50 10.30 22.99 -8.35
C LEU A 50 9.85 22.77 -9.82
N THR A 51 9.79 21.52 -10.24
CA THR A 51 9.04 21.10 -11.47
C THR A 51 7.55 21.34 -11.26
N GLU A 52 6.80 21.40 -12.34
CA GLU A 52 5.34 21.62 -12.30
C GLU A 52 4.70 20.44 -11.54
N LYS A 53 5.20 19.22 -11.72
CA LYS A 53 4.75 18.02 -10.99
C LYS A 53 4.98 18.22 -9.48
N GLU A 54 6.21 18.50 -9.05
CA GLU A 54 6.56 18.80 -7.64
C GLU A 54 5.65 19.90 -7.11
N ARG A 55 5.48 21.00 -7.84
CA ARG A 55 4.74 22.15 -7.31
C ARG A 55 3.28 21.77 -7.10
N VAL A 56 2.63 21.15 -8.09
CA VAL A 56 1.20 20.83 -7.92
C VAL A 56 1.03 19.77 -6.83
N GLU A 57 1.98 18.85 -6.63
CA GLU A 57 1.93 17.82 -5.57
C GLU A 57 2.05 18.47 -4.18
N ILE A 58 2.94 19.44 -4.05
CA ILE A 58 3.12 20.20 -2.78
C ILE A 58 1.83 20.97 -2.46
N LEU A 59 1.27 21.70 -3.38
CA LEU A 59 0.03 22.47 -3.14
C LEU A 59 -1.11 21.52 -2.77
N ALA A 60 -1.31 20.42 -3.48
CA ALA A 60 -2.36 19.42 -3.17
C ALA A 60 -2.12 18.82 -1.77
N THR A 61 -0.88 18.47 -1.42
CA THR A 61 -0.52 17.88 -0.14
C THR A 61 -0.87 18.88 0.96
N ALA A 62 -0.52 20.16 0.79
CA ALA A 62 -0.73 21.20 1.81
C ALA A 62 -2.23 21.32 2.04
N TRP A 63 -2.98 21.36 0.95
CA TRP A 63 -4.44 21.53 1.04
C TRP A 63 -5.11 20.33 1.73
N GLU A 64 -4.69 19.12 1.35
CA GLU A 64 -5.23 17.89 1.94
C GLU A 64 -4.89 17.84 3.43
N TYR A 65 -3.68 18.18 3.83
CA TYR A 65 -3.26 18.12 5.23
C TYR A 65 -4.17 19.03 6.07
N VAL A 66 -4.41 20.23 5.60
CA VAL A 66 -5.21 21.22 6.34
C VAL A 66 -6.66 20.78 6.34
N ARG A 67 -7.15 20.24 5.24
CA ARG A 67 -8.57 19.80 5.20
C ARG A 67 -8.74 18.64 6.18
N CYS A 68 -7.78 17.71 6.23
CA CYS A 68 -7.88 16.49 7.08
C CYS A 68 -7.73 16.89 8.56
N GLY A 69 -6.75 17.71 8.87
CA GLY A 69 -6.41 18.19 10.23
C GLY A 69 -7.36 19.25 10.77
N VAL A 70 -7.93 20.07 9.89
CA VAL A 70 -8.82 21.19 10.31
C VAL A 70 -10.07 21.20 9.45
N PRO A 71 -10.94 20.16 9.53
CA PRO A 71 -12.12 20.15 8.69
C PRO A 71 -13.14 21.27 9.00
N GLU A 72 -13.27 21.65 10.28
CA GLU A 72 -14.23 22.69 10.76
C GLU A 72 -13.47 24.02 10.91
N PHE A 73 -13.85 25.06 10.17
CA PHE A 73 -13.26 26.42 10.22
C PHE A 73 -14.38 27.42 9.93
N THR A 74 -14.18 28.71 10.22
CA THR A 74 -15.16 29.80 9.89
C THR A 74 -14.46 30.91 9.11
N ASN A 75 -13.14 31.01 9.19
CA ASN A 75 -12.40 32.15 8.62
C ASN A 75 -11.55 31.70 7.45
N TRP A 76 -12.01 31.97 6.23
CA TRP A 76 -11.40 31.53 4.97
C TRP A 76 -10.05 32.21 4.74
N GLU A 77 -9.94 33.51 5.05
CA GLU A 77 -8.64 34.21 4.91
C GLU A 77 -7.56 33.55 5.80
N LYS A 78 -7.86 33.24 7.05
CA LYS A 78 -6.86 32.58 7.93
C LYS A 78 -6.58 31.14 7.48
N TYR A 79 -7.62 30.46 6.99
CA TYR A 79 -7.54 29.07 6.49
C TYR A 79 -6.57 29.02 5.31
N ILE A 80 -6.69 29.94 4.35
CA ILE A 80 -5.76 29.97 3.19
C ILE A 80 -4.36 30.35 3.63
N ALA A 81 -4.21 31.32 4.57
CA ALA A 81 -2.88 31.66 5.09
C ALA A 81 -2.20 30.43 5.67
N PHE A 82 -2.96 29.60 6.40
CA PHE A 82 -2.46 28.38 7.06
C PHE A 82 -2.11 27.30 6.02
N VAL A 83 -2.92 27.18 5.00
CA VAL A 83 -2.61 26.28 3.83
C VAL A 83 -1.30 26.70 3.21
N ARG A 84 -1.11 28.02 3.02
CA ARG A 84 0.16 28.49 2.41
C ARG A 84 1.35 28.16 3.32
N LEU A 85 1.22 28.42 4.61
CA LEU A 85 2.32 28.08 5.53
C LEU A 85 2.59 26.57 5.49
N THR A 86 1.54 25.74 5.36
CA THR A 86 1.70 24.27 5.29
C THR A 86 2.34 23.86 3.95
N ALA A 87 2.07 24.60 2.91
CA ALA A 87 2.84 24.43 1.64
C ALA A 87 4.32 24.68 1.84
N LEU A 88 4.71 25.76 2.55
CA LEU A 88 6.15 26.03 2.74
C LEU A 88 6.76 24.95 3.62
N THR A 89 6.05 24.53 4.68
CA THR A 89 6.51 23.43 5.55
C THR A 89 6.80 22.22 4.64
N THR A 90 5.87 21.92 3.74
CA THR A 90 5.94 20.75 2.83
C THR A 90 7.18 20.92 1.96
N VAL A 91 7.45 22.13 1.47
CA VAL A 91 8.70 22.35 0.69
C VAL A 91 9.90 22.11 1.61
N ALA A 92 9.87 22.61 2.84
CA ALA A 92 11.02 22.46 3.78
C ALA A 92 11.33 20.97 3.97
N GLU A 93 10.33 20.13 4.07
CA GLU A 93 10.49 18.66 4.31
C GLU A 93 11.06 17.99 3.06
N TYR A 94 10.55 18.34 1.88
CA TYR A 94 10.92 17.77 0.57
C TYR A 94 12.29 18.29 0.11
N ARG A 95 12.52 19.61 0.13
CA ARG A 95 13.75 20.25 -0.43
C ARG A 95 14.14 21.44 0.43
N GLY A 96 14.53 21.19 1.67
CA GLY A 96 14.86 22.25 2.65
C GLY A 96 15.90 23.26 2.20
N LYS A 97 16.83 22.88 1.32
CA LYS A 97 17.86 23.83 0.79
C LYS A 97 17.19 25.06 0.16
N LEU A 98 15.95 24.94 -0.33
CA LEU A 98 15.27 26.08 -1.00
C LEU A 98 14.84 27.17 0.00
N VAL A 99 14.76 26.88 1.30
CA VAL A 99 14.04 27.75 2.29
C VAL A 99 15.09 28.49 3.13
N ASP A 100 15.04 29.81 3.05
CA ASP A 100 15.85 30.76 3.84
C ASP A 100 15.27 30.85 5.25
N ILE A 101 15.74 30.00 6.14
CA ILE A 101 15.19 29.91 7.51
C ILE A 101 15.23 31.29 8.19
N ASP A 102 16.30 32.04 8.01
CA ASP A 102 16.49 33.32 8.73
C ASP A 102 15.52 34.39 8.26
N ARG A 103 14.74 34.17 7.19
CA ARG A 103 13.82 35.22 6.72
C ARG A 103 12.39 34.89 7.04
N LEU A 104 12.12 33.72 7.61
CA LEU A 104 10.72 33.29 7.84
C LEU A 104 10.00 34.30 8.73
N LEU A 105 10.67 34.77 9.79
CA LEU A 105 10.02 35.68 10.78
C LEU A 105 10.31 37.16 10.47
N THR A 106 10.93 37.49 9.34
CA THR A 106 11.25 38.90 9.04
C THR A 106 10.09 39.55 8.33
N PRO A 107 9.46 40.61 8.90
CA PRO A 107 8.42 41.34 8.17
C PRO A 107 8.92 41.92 6.85
N GLY A 108 8.07 41.92 5.82
CA GLY A 108 8.37 42.40 4.45
C GLY A 108 9.10 41.37 3.60
N GLU A 109 9.62 40.27 4.16
CA GLU A 109 10.41 39.27 3.41
C GLU A 109 9.46 38.24 2.76
N TYR A 110 9.73 37.86 1.52
CA TYR A 110 9.07 36.77 0.77
C TYR A 110 10.03 35.61 0.66
N VAL A 111 9.57 34.46 1.12
CA VAL A 111 10.35 33.21 1.01
C VAL A 111 9.54 32.33 0.03
N LEU A 112 10.14 32.02 -1.12
CA LEU A 112 9.49 31.25 -2.21
C LEU A 112 8.14 31.85 -2.50
N GLY A 113 8.12 33.16 -2.53
CA GLY A 113 6.92 33.91 -2.93
C GLY A 113 5.98 34.15 -1.80
N TYR A 114 6.24 33.59 -0.61
CA TYR A 114 5.28 33.74 0.52
C TYR A 114 5.77 34.82 1.50
N PRO A 115 4.90 35.79 1.90
CA PRO A 115 5.19 36.73 3.00
C PRO A 115 4.96 36.02 4.35
N VAL A 116 5.92 35.21 4.76
CA VAL A 116 5.71 34.19 5.80
C VAL A 116 5.26 34.89 7.09
N ARG A 117 5.99 35.92 7.51
CA ARG A 117 5.64 36.58 8.78
C ARG A 117 4.23 37.16 8.68
N GLU A 118 3.85 37.70 7.54
CA GLU A 118 2.49 38.24 7.37
C GLU A 118 1.45 37.09 7.50
N LEU A 119 1.76 35.92 6.95
CA LEU A 119 0.77 34.80 7.01
C LEU A 119 0.62 34.39 8.50
N LEU A 120 1.73 34.24 9.22
CA LEU A 120 1.70 33.92 10.66
C LEU A 120 0.92 34.98 11.47
N ASP A 121 1.09 36.26 11.16
CA ASP A 121 0.35 37.36 11.82
C ASP A 121 -1.15 37.26 11.49
N THR A 122 -1.52 37.10 10.24
CA THR A 122 -2.95 36.87 9.87
C THR A 122 -3.54 35.75 10.73
N LEU A 123 -2.76 34.69 10.93
CA LEU A 123 -3.28 33.46 11.57
C LEU A 123 -3.30 33.65 13.08
N PHE A 124 -2.26 34.23 13.68
CA PHE A 124 -2.04 34.15 15.14
C PHE A 124 -1.99 35.54 15.81
N ALA A 125 -1.82 36.64 15.08
CA ALA A 125 -1.68 37.99 15.71
C ALA A 125 -2.93 38.24 16.56
N GLY A 126 -2.76 38.73 17.78
CA GLY A 126 -3.90 39.06 18.66
C GLY A 126 -4.44 37.85 19.39
N THR A 127 -3.75 36.71 19.36
CA THR A 127 -4.06 35.51 20.18
C THR A 127 -3.00 35.40 21.26
N SER A 128 -3.27 34.64 22.29
CA SER A 128 -2.37 34.41 23.44
C SER A 128 -1.17 33.55 23.04
N VAL A 129 -1.20 32.85 21.90
CA VAL A 129 -0.12 31.91 21.50
C VAL A 129 0.80 32.54 20.41
N TYR A 130 0.56 33.80 20.02
CA TYR A 130 1.28 34.48 18.90
C TYR A 130 2.80 34.23 18.97
N GLU A 131 3.50 34.77 19.97
CA GLU A 131 4.98 34.75 20.03
C GLU A 131 5.44 33.30 20.08
N ALA A 132 4.75 32.43 20.82
CA ALA A 132 5.14 31.00 20.91
C ALA A 132 4.99 30.30 19.55
N MET A 133 3.95 30.60 18.78
CA MET A 133 3.70 29.92 17.47
C MET A 133 4.68 30.47 16.41
N LEU A 134 5.13 31.73 16.55
CA LEU A 134 6.22 32.23 15.68
C LEU A 134 7.46 31.36 15.88
N GLN A 135 7.81 31.04 17.12
CA GLN A 135 9.02 30.21 17.32
C GLN A 135 8.75 28.74 16.98
N GLU A 136 7.56 28.25 17.25
CA GLU A 136 7.20 26.85 16.91
C GLU A 136 7.37 26.66 15.38
N TYR A 137 6.80 27.55 14.58
CA TYR A 137 6.89 27.44 13.09
C TYR A 137 8.34 27.48 12.63
N ALA A 138 9.10 28.51 13.04
CA ALA A 138 10.49 28.71 12.60
C ALA A 138 11.37 27.54 13.05
N SER A 139 11.18 27.06 14.28
CA SER A 139 11.95 25.94 14.85
C SER A 139 11.69 24.63 14.09
N CYS A 140 10.43 24.37 13.73
CA CYS A 140 10.04 23.18 12.93
C CYS A 140 10.81 23.21 11.60
N LEU A 141 10.69 24.31 10.84
CA LEU A 141 11.31 24.41 9.48
C LEU A 141 12.84 24.41 9.58
N LEU A 142 13.40 25.05 10.61
CA LEU A 142 14.86 25.03 10.84
C LEU A 142 15.38 23.60 10.79
N PHE A 143 14.85 22.71 11.60
CA PHE A 143 15.32 21.31 11.73
C PHE A 143 14.86 20.45 10.57
N MET A 144 13.75 20.75 9.92
CA MET A 144 13.49 20.08 8.63
C MET A 144 14.61 20.40 7.63
N ALA A 145 15.06 21.65 7.52
CA ALA A 145 16.14 22.03 6.58
C ALA A 145 17.46 21.42 7.06
N GLU A 146 17.74 21.45 8.36
CA GLU A 146 19.03 20.93 8.89
C GLU A 146 19.15 19.43 8.57
N LYS A 147 18.05 18.67 8.58
CA LYS A 147 18.09 17.19 8.42
C LYS A 147 18.32 16.78 6.96
N THR A 148 17.91 17.58 5.98
CA THR A 148 18.14 17.29 4.53
C THR A 148 19.57 17.70 4.12
N ARG A 149 20.34 18.36 4.98
CA ARG A 149 21.56 19.09 4.53
C ARG A 149 22.62 18.10 4.01
N ASP A 150 23.43 18.61 3.08
CA ASP A 150 24.65 18.01 2.47
C ASP A 150 25.38 17.15 3.52
N HIS A 151 25.89 17.76 4.58
CA HIS A 151 26.67 17.11 5.66
C HIS A 151 26.03 17.46 7.01
N GLN A 152 26.04 16.51 7.95
CA GLN A 152 25.55 16.72 9.33
C GLN A 152 26.17 17.99 9.91
N SER A 153 25.34 18.96 10.31
CA SER A 153 25.79 20.15 11.06
C SER A 153 25.87 19.76 12.53
N ASP A 154 26.47 20.59 13.37
CA ASP A 154 26.48 20.31 14.83
C ASP A 154 25.10 20.60 15.41
N LEU A 155 24.29 21.52 14.85
CA LEU A 155 22.87 21.69 15.29
C LEU A 155 22.11 20.38 15.12
N CYS A 156 22.27 19.72 13.97
CA CYS A 156 21.62 18.43 13.66
C CYS A 156 21.99 17.38 14.67
N LYS A 157 23.29 17.21 14.90
CA LYS A 157 23.84 16.16 15.77
C LYS A 157 23.27 16.37 17.16
N LYS A 158 23.26 17.60 17.67
CA LYS A 158 22.66 17.88 19.00
C LYS A 158 21.16 17.57 19.02
N TYR A 159 20.43 17.85 17.94
CA TYR A 159 18.99 17.53 17.85
C TYR A 159 18.82 16.01 17.90
N ILE A 160 19.58 15.28 17.07
CA ILE A 160 19.52 13.79 17.05
C ILE A 160 19.77 13.23 18.46
N GLU A 161 20.72 13.77 19.19
CA GLU A 161 21.03 13.27 20.56
C GLU A 161 20.00 13.79 21.57
N ALA A 162 19.46 15.00 21.43
CA ALA A 162 18.41 15.51 22.34
C ALA A 162 17.17 14.61 22.28
N ILE A 163 16.75 14.17 21.09
CA ILE A 163 15.41 13.51 20.98
C ILE A 163 15.52 12.12 21.58
N ALA A 164 16.74 11.55 21.57
CA ALA A 164 17.03 10.22 22.18
C ALA A 164 17.29 10.30 23.69
N SER A 165 17.24 11.49 24.31
CA SER A 165 17.75 11.73 25.70
C SER A 165 16.67 11.43 26.72
N SER A 166 15.39 11.57 26.38
CA SER A 166 14.27 11.17 27.25
C SER A 166 13.00 11.10 26.44
N PRO A 167 12.02 10.26 26.84
CA PRO A 167 10.75 10.17 26.13
C PRO A 167 10.01 11.52 26.14
N SER A 168 9.99 12.25 27.26
CA SER A 168 9.26 13.55 27.33
C SER A 168 9.91 14.57 26.36
N ARG A 169 11.22 14.53 26.21
CA ARG A 169 11.94 15.42 25.27
C ARG A 169 11.69 14.97 23.82
N TYR A 170 11.64 13.68 23.52
CA TYR A 170 11.21 13.12 22.20
C TYR A 170 9.82 13.72 21.87
N TYR A 171 8.87 13.66 22.78
CA TYR A 171 7.47 14.08 22.51
C TYR A 171 7.40 15.59 22.27
N ARG A 172 8.06 16.43 23.07
CA ARG A 172 8.03 17.92 22.90
C ARG A 172 8.67 18.30 21.56
N LEU A 173 9.81 17.75 21.23
CA LEU A 173 10.53 18.13 20.00
C LEU A 173 9.81 17.53 18.78
N ARG A 174 9.21 16.34 18.90
CA ARG A 174 8.47 15.72 17.78
C ARG A 174 7.16 16.52 17.57
N ASP A 175 6.58 17.04 18.63
CA ASP A 175 5.37 17.89 18.58
C ASP A 175 5.66 19.06 17.63
N CYS A 176 6.74 19.78 17.86
CA CYS A 176 7.18 20.85 16.92
C CYS A 176 7.41 20.32 15.50
N ASP A 177 8.19 19.26 15.33
CA ASP A 177 8.52 18.61 14.03
C ASP A 177 7.27 18.20 13.23
N ALA A 178 6.21 17.73 13.88
CA ALA A 178 4.96 17.26 13.27
C ALA A 178 3.91 18.38 13.34
N GLN A 179 4.22 19.52 13.95
CA GLN A 179 3.32 20.70 14.09
C GLN A 179 2.00 20.32 14.74
N VAL A 180 2.03 19.52 15.78
CA VAL A 180 0.81 19.13 16.51
C VAL A 180 0.18 20.32 17.25
N ARG A 181 0.88 20.93 18.19
CA ARG A 181 0.27 22.05 18.93
C ARG A 181 0.07 23.23 17.98
N LEU A 182 0.93 23.40 16.97
CA LEU A 182 0.68 24.47 15.99
C LEU A 182 -0.66 24.27 15.24
N PHE A 183 -0.96 23.05 14.75
CA PHE A 183 -2.22 22.75 14.03
C PHE A 183 -3.41 22.97 14.95
N ILE A 184 -3.30 22.50 16.19
CA ILE A 184 -4.41 22.64 17.15
C ILE A 184 -4.68 24.13 17.33
N ALA A 185 -3.67 24.90 17.65
CA ALA A 185 -3.86 26.37 17.84
C ALA A 185 -4.36 27.04 16.54
N ALA A 186 -3.82 26.67 15.37
CA ALA A 186 -4.29 27.21 14.07
C ALA A 186 -5.76 26.89 13.87
N ALA A 187 -6.16 25.65 14.24
CA ALA A 187 -7.56 25.21 14.09
C ALA A 187 -8.45 26.14 14.91
N VAL A 188 -8.08 26.41 16.15
CA VAL A 188 -8.86 27.31 17.01
C VAL A 188 -8.86 28.70 16.40
N ALA A 189 -7.69 29.18 15.99
CA ALA A 189 -7.59 30.53 15.35
C ALA A 189 -8.44 30.59 14.07
N CYS A 190 -8.59 29.50 13.28
CA CYS A 190 -9.34 29.57 12.01
C CYS A 190 -10.84 29.50 12.32
N ASN A 191 -11.20 29.27 13.58
CA ASN A 191 -12.58 29.39 14.07
C ASN A 191 -12.79 30.72 14.82
N ASP A 192 -11.81 31.65 14.73
CA ASP A 192 -11.88 33.04 15.31
C ASP A 192 -12.02 32.96 16.82
N LEU A 193 -11.29 32.07 17.47
CA LEU A 193 -11.29 31.97 18.93
C LEU A 193 -9.83 32.04 19.33
N ASP A 194 -9.56 32.24 20.62
CA ASP A 194 -8.19 32.45 21.12
C ASP A 194 -7.87 31.14 21.84
N PRO A 195 -6.88 30.35 21.43
CA PRO A 195 -6.65 29.06 22.09
C PRO A 195 -6.36 29.22 23.59
N ASP A 196 -6.92 28.38 24.46
CA ASP A 196 -6.67 28.50 25.92
C ASP A 196 -6.33 27.15 26.53
N PHE A 197 -5.74 26.26 25.75
CA PHE A 197 -5.13 25.02 26.28
C PHE A 197 -3.93 25.39 27.16
N THR A 198 -3.71 24.63 28.21
CA THR A 198 -2.58 24.84 29.13
C THR A 198 -1.40 24.06 28.59
N GLU A 199 -0.20 24.32 29.12
CA GLU A 199 1.03 23.66 28.63
C GLU A 199 0.80 22.15 28.75
N MET A 200 0.21 21.67 29.84
CA MET A 200 0.14 20.22 30.11
C MET A 200 -0.93 19.58 29.22
N GLU A 201 -1.97 20.33 28.85
CA GLU A 201 -2.97 19.86 27.86
C GLU A 201 -2.26 19.68 26.50
N TYR A 202 -1.41 20.59 26.09
CA TYR A 202 -0.67 20.48 24.80
C TYR A 202 0.24 19.27 24.86
N GLN A 203 0.88 19.04 26.00
CA GLN A 203 1.82 17.89 26.12
C GLN A 203 1.03 16.58 26.09
N ALA A 204 -0.15 16.52 26.71
CA ALA A 204 -0.99 15.31 26.66
C ALA A 204 -1.43 15.07 25.20
N MET A 205 -1.90 16.12 24.52
CA MET A 205 -2.43 16.03 23.14
C MET A 205 -1.33 15.53 22.20
N ALA A 206 -0.17 16.13 22.28
CA ALA A 206 1.00 15.69 21.47
C ALA A 206 1.37 14.24 21.77
N GLU A 207 1.31 13.79 23.04
CA GLU A 207 1.77 12.40 23.35
C GLU A 207 0.76 11.43 22.71
N ILE A 208 -0.52 11.78 22.71
CA ILE A 208 -1.57 10.90 22.12
C ILE A 208 -1.35 10.85 20.60
N GLY A 209 -1.21 12.01 19.97
CA GLY A 209 -1.16 12.14 18.49
C GLY A 209 0.08 11.47 17.95
N ILE A 210 1.21 11.66 18.62
CA ILE A 210 2.51 11.11 18.18
C ILE A 210 2.54 9.59 18.35
N THR A 211 2.02 9.10 19.45
CA THR A 211 1.97 7.64 19.72
C THR A 211 1.18 6.94 18.63
N LEU A 212 0.07 7.56 18.18
CA LEU A 212 -0.73 7.02 17.06
C LEU A 212 0.01 7.18 15.74
N TYR A 213 0.43 8.39 15.41
CA TYR A 213 0.99 8.68 14.06
C TYR A 213 2.27 7.85 13.86
N ASP A 214 3.17 7.85 14.85
CA ASP A 214 4.48 7.16 14.72
C ASP A 214 4.22 5.66 14.53
N ALA A 215 3.16 5.11 15.10
CA ALA A 215 2.81 3.68 14.95
C ALA A 215 2.47 3.37 13.49
N VAL A 216 1.65 4.21 12.86
CA VAL A 216 1.19 3.93 11.47
C VAL A 216 2.36 4.22 10.53
N ALA A 217 3.19 5.19 10.83
CA ALA A 217 4.31 5.56 9.94
C ALA A 217 5.52 4.63 10.15
N PHE A 218 5.46 3.72 11.13
CA PHE A 218 6.58 2.86 11.58
C PHE A 218 7.37 2.35 10.38
N TYR A 219 6.74 1.72 9.39
CA TYR A 219 7.46 0.97 8.33
C TYR A 219 8.09 1.93 7.33
N LYS A 220 7.40 3.02 6.96
CA LYS A 220 8.02 4.07 6.13
C LYS A 220 9.27 4.63 6.83
N HIS A 221 9.16 4.96 8.11
CA HIS A 221 10.23 5.65 8.87
C HIS A 221 11.47 4.72 8.99
N ARG A 222 11.24 3.43 9.23
CA ARG A 222 12.31 2.41 9.37
C ARG A 222 13.00 2.18 8.03
N ALA A 223 12.26 2.05 6.93
CA ALA A 223 12.79 1.85 5.57
C ALA A 223 13.63 3.07 5.18
N GLU A 224 13.34 4.24 5.74
CA GLU A 224 14.06 5.51 5.41
C GLU A 224 15.15 5.79 6.44
N ALA A 225 15.33 4.89 7.42
CA ALA A 225 16.32 5.06 8.52
C ALA A 225 16.12 6.44 9.16
N GLU A 226 14.91 6.69 9.63
CA GLU A 226 14.48 7.96 10.23
C GLU A 226 14.98 8.00 11.67
N VAL A 227 15.29 9.19 12.20
CA VAL A 227 15.56 9.39 13.65
C VAL A 227 14.26 9.73 14.42
N SER A 228 13.29 10.38 13.77
CA SER A 228 12.10 10.91 14.49
C SER A 228 10.93 9.94 14.42
N ASN A 229 11.05 8.84 15.15
CA ASN A 229 10.00 7.83 15.34
C ASN A 229 10.07 7.31 16.76
N LEU A 230 8.97 7.36 17.50
CA LEU A 230 8.89 6.89 18.90
C LEU A 230 9.44 5.46 19.06
N TYR A 231 9.18 4.57 18.11
CA TYR A 231 9.47 3.13 18.23
C TYR A 231 10.94 2.85 17.86
N ALA A 232 11.66 3.84 17.31
CA ALA A 232 13.13 3.76 17.13
C ALA A 232 13.80 3.56 18.50
N TYR A 233 13.17 4.09 19.56
CA TYR A 233 13.72 4.19 20.94
C TYR A 233 13.02 3.14 21.79
N CYS A 234 11.70 2.98 21.64
CA CYS A 234 10.88 2.07 22.48
C CYS A 234 11.07 0.60 22.11
N GLY A 235 11.36 0.27 20.85
CA GLY A 235 11.45 -1.13 20.37
C GLY A 235 10.54 -1.38 19.18
N GLN A 236 10.94 -2.34 18.34
CA GLN A 236 10.27 -2.67 17.07
C GLN A 236 9.25 -3.80 17.22
N ASP A 237 8.91 -4.29 18.41
CA ASP A 237 8.00 -5.45 18.52
C ASP A 237 6.54 -4.97 18.32
N LEU A 238 5.81 -5.62 17.43
CA LEU A 238 4.39 -5.34 17.11
C LEU A 238 3.56 -5.23 18.40
N GLU A 239 3.80 -6.12 19.36
CA GLU A 239 2.99 -6.26 20.61
C GLU A 239 2.98 -4.95 21.38
N PHE A 240 4.12 -4.27 21.49
CA PHE A 240 4.22 -2.97 22.18
C PHE A 240 3.37 -1.90 21.45
N ARG A 241 3.57 -1.81 20.14
CA ARG A 241 2.91 -0.86 19.21
C ARG A 241 1.40 -1.06 19.34
N GLN A 242 0.91 -2.30 19.22
CA GLN A 242 -0.55 -2.61 19.34
C GLN A 242 -1.08 -2.12 20.69
N GLU A 243 -0.35 -2.40 21.77
CA GLU A 243 -0.80 -2.04 23.14
C GLU A 243 -0.93 -0.53 23.31
N VAL A 244 0.12 0.24 23.03
CA VAL A 244 0.15 1.70 23.31
C VAL A 244 -0.74 2.44 22.28
N TYR A 245 -0.88 1.91 21.05
CA TYR A 245 -1.84 2.46 20.06
C TYR A 245 -3.25 2.35 20.65
N GLN A 246 -3.60 1.15 21.09
CA GLN A 246 -4.94 0.90 21.67
C GLN A 246 -5.19 1.85 22.83
N THR A 247 -4.24 2.03 23.74
CA THR A 247 -4.39 2.96 24.88
C THR A 247 -4.55 4.43 24.40
N ALA A 248 -3.74 4.89 23.47
CA ALA A 248 -3.81 6.31 23.00
C ALA A 248 -5.18 6.54 22.32
N ARG A 249 -5.64 5.59 21.50
CA ARG A 249 -6.94 5.77 20.79
C ARG A 249 -8.06 5.76 21.81
N SER A 250 -7.95 4.91 22.81
CA SER A 250 -8.93 4.86 23.92
C SER A 250 -8.98 6.18 24.70
N THR A 251 -7.82 6.71 25.08
CA THR A 251 -7.77 8.05 25.73
C THR A 251 -8.37 9.12 24.80
N LEU A 252 -8.07 9.04 23.51
CA LEU A 252 -8.59 10.04 22.56
C LEU A 252 -10.11 9.96 22.54
N TRP A 253 -10.67 8.74 22.53
CA TRP A 253 -12.16 8.61 22.59
C TRP A 253 -12.72 9.19 23.89
N ALA A 254 -12.06 9.00 25.03
CA ALA A 254 -12.47 9.67 26.30
C ALA A 254 -12.40 11.19 26.15
N LEU A 255 -11.32 11.68 25.55
CA LEU A 255 -11.17 13.16 25.33
C LEU A 255 -12.29 13.68 24.42
N GLU A 256 -12.58 12.94 23.36
CA GLU A 256 -13.63 13.32 22.38
C GLU A 256 -14.99 13.36 23.10
N THR A 257 -15.31 12.33 23.86
CA THR A 257 -16.58 12.28 24.64
C THR A 257 -16.65 13.50 25.59
N MET A 258 -15.57 13.84 26.28
CA MET A 258 -15.59 15.04 27.20
C MET A 258 -15.65 16.36 26.42
N TRP A 259 -14.97 16.49 25.29
CA TRP A 259 -14.76 17.85 24.73
C TRP A 259 -15.63 18.16 23.51
N CYS A 260 -16.41 17.22 22.98
CA CYS A 260 -16.97 17.40 21.62
C CYS A 260 -18.03 18.50 21.62
N LYS A 261 -18.45 19.08 22.76
CA LYS A 261 -19.56 20.10 22.67
C LYS A 261 -19.01 21.52 22.51
N THR A 262 -17.71 21.68 22.46
CA THR A 262 -17.02 23.00 22.35
C THR A 262 -16.29 23.08 21.01
N VAL A 263 -16.27 24.26 20.41
CA VAL A 263 -15.47 24.48 19.17
C VAL A 263 -13.99 24.24 19.44
N GLN A 264 -13.42 24.75 20.53
CA GLN A 264 -11.99 24.51 20.81
C GLN A 264 -11.75 23.02 20.99
N GLY A 265 -12.62 22.33 21.75
CA GLY A 265 -12.51 20.89 21.95
C GLY A 265 -12.45 20.12 20.62
N ARG A 266 -13.42 20.35 19.76
CA ARG A 266 -13.49 19.67 18.44
C ARG A 266 -12.25 20.05 17.60
N SER A 267 -11.66 21.24 17.77
CA SER A 267 -10.52 21.69 16.95
C SER A 267 -9.34 20.77 17.33
N ALA A 268 -9.19 20.44 18.62
CA ALA A 268 -8.10 19.56 19.08
C ALA A 268 -8.43 18.11 18.66
N ILE A 269 -9.64 17.62 18.90
CA ILE A 269 -10.09 16.22 18.59
C ILE A 269 -9.84 15.91 17.09
N ASN A 270 -10.31 16.79 16.21
CA ASN A 270 -10.31 16.65 14.75
C ASN A 270 -8.86 16.44 14.34
N LEU A 271 -7.97 17.25 14.87
CA LEU A 271 -6.56 17.17 14.46
C LEU A 271 -5.96 15.83 14.92
N LEU A 272 -6.12 15.49 16.20
CA LEU A 272 -5.43 14.30 16.78
C LEU A 272 -5.96 12.98 16.17
N LYS A 273 -7.26 12.90 16.00
CA LYS A 273 -7.95 11.72 15.46
C LYS A 273 -7.55 11.48 14.01
N ASN A 274 -7.34 12.55 13.26
CA ASN A 274 -7.04 12.42 11.81
C ASN A 274 -5.56 12.16 11.56
N LEU A 275 -4.71 12.33 12.55
CA LEU A 275 -3.27 12.09 12.33
C LEU A 275 -3.00 10.71 11.72
N PRO A 276 -3.45 9.60 12.32
CA PRO A 276 -3.18 8.29 11.71
C PRO A 276 -4.02 8.07 10.45
N LEU A 277 -5.20 8.71 10.36
CA LEU A 277 -6.18 8.40 9.30
C LEU A 277 -5.69 8.95 7.95
N ILE A 278 -4.75 9.91 7.96
CA ILE A 278 -4.24 10.51 6.67
C ILE A 278 -3.60 9.44 5.79
N HIS A 279 -3.05 8.37 6.37
CA HIS A 279 -2.48 7.21 5.63
C HIS A 279 -3.53 6.62 4.69
N MET A 280 -4.83 6.74 5.03
CA MET A 280 -5.95 6.28 4.17
C MET A 280 -6.57 7.44 3.37
N SER A 281 -6.66 8.66 3.91
CA SER A 281 -7.49 9.75 3.34
C SER A 281 -6.64 10.56 2.35
N MET A 282 -5.32 10.66 2.48
CA MET A 282 -4.56 11.61 1.63
C MET A 282 -3.89 10.87 0.48
N ARG A 283 -3.85 11.50 -0.69
CA ARG A 283 -3.26 10.89 -1.92
C ARG A 283 -1.74 10.88 -1.91
N ARG A 284 -1.10 11.60 -1.01
CA ARG A 284 0.36 11.54 -0.76
C ARG A 284 0.75 10.17 -0.20
N TYR A 285 -0.10 9.54 0.63
CA TYR A 285 0.22 8.20 1.19
C TYR A 285 -0.18 7.11 0.18
N ARG A 286 0.17 5.88 0.49
CA ARG A 286 0.18 4.80 -0.55
C ARG A 286 -0.94 3.77 -0.30
N PHE A 287 -2.04 4.12 0.35
CA PHE A 287 -3.10 3.14 0.67
C PHE A 287 -3.54 2.39 -0.60
N VAL A 288 -3.88 3.12 -1.65
CA VAL A 288 -4.39 2.56 -2.93
C VAL A 288 -3.31 1.73 -3.60
N GLU A 289 -2.06 2.23 -3.61
CA GLU A 289 -0.91 1.62 -4.33
C GLU A 289 -0.45 0.37 -3.58
N ASP A 290 -0.66 0.31 -2.26
CA ASP A 290 -0.32 -0.87 -1.43
C ASP A 290 -1.42 -1.97 -1.48
N GLY A 291 -2.37 -1.88 -2.38
CA GLY A 291 -3.52 -2.80 -2.52
C GLY A 291 -4.67 -2.51 -1.56
N LEU A 292 -4.96 -1.25 -1.25
CA LEU A 292 -5.90 -0.89 -0.17
C LEU A 292 -5.47 -1.58 1.11
N THR A 293 -4.23 -1.43 1.51
CA THR A 293 -3.75 -1.98 2.78
C THR A 293 -3.05 -0.87 3.55
N ILE A 294 -3.07 -1.04 4.86
CA ILE A 294 -2.27 -0.30 5.86
C ILE A 294 -1.45 -1.36 6.59
N GLY A 295 -0.21 -1.03 6.90
CA GLY A 295 0.65 -1.77 7.84
C GLY A 295 1.30 -3.00 7.23
N LYS A 296 1.42 -3.08 5.89
CA LYS A 296 2.03 -4.27 5.19
C LYS A 296 3.21 -3.81 4.35
N PRO A 297 4.45 -3.87 4.92
CA PRO A 297 5.65 -3.32 4.26
C PRO A 297 6.05 -3.90 2.87
N GLU A 298 5.69 -5.16 2.56
CA GLU A 298 6.13 -5.88 1.32
C GLU A 298 5.22 -5.60 0.10
N THR A 299 4.05 -5.01 0.32
CA THR A 299 3.18 -4.49 -0.77
C THR A 299 3.33 -2.96 -0.86
N SER A 300 4.07 -2.33 0.06
CA SER A 300 4.12 -0.85 0.25
C SER A 300 4.94 -0.14 -0.86
N ALA A 301 4.36 0.93 -1.44
CA ALA A 301 4.98 1.78 -2.49
C ALA A 301 6.02 2.72 -1.85
N VAL A 302 5.81 3.21 -0.62
CA VAL A 302 6.84 4.10 0.03
C VAL A 302 8.07 3.28 0.42
N VAL A 303 7.88 2.03 0.89
CA VAL A 303 9.00 1.12 1.31
C VAL A 303 9.75 0.65 0.05
N ARG A 304 9.05 0.36 -1.06
CA ARG A 304 9.67 -0.09 -2.33
C ARG A 304 10.46 1.08 -2.96
N ALA A 305 10.02 2.33 -2.78
CA ALA A 305 10.71 3.57 -3.23
C ALA A 305 12.03 3.72 -2.44
N ALA A 306 11.99 3.54 -1.10
CA ALA A 306 13.18 3.54 -0.21
C ALA A 306 14.17 2.44 -0.65
N ARG A 307 13.67 1.22 -0.90
CA ARG A 307 14.44 0.01 -1.33
C ARG A 307 15.16 0.18 -2.68
N ASN A 308 14.50 0.83 -3.66
CA ASN A 308 15.00 1.06 -5.04
C ASN A 308 16.01 2.22 -5.08
N HIS A 309 15.85 3.22 -4.20
CA HIS A 309 16.60 4.51 -4.23
C HIS A 309 18.13 4.26 -4.21
N VAL A 310 18.88 5.05 -4.99
CA VAL A 310 20.28 5.51 -4.70
C VAL A 310 21.21 4.97 -5.78
N MET A 326 28.14 28.68 5.78
CA MET A 326 27.01 27.81 5.35
C MET A 326 26.51 26.94 6.52
N GLU A 327 26.99 27.16 7.76
CA GLU A 327 26.60 26.36 8.96
C GLU A 327 25.98 27.29 10.03
N ARG A 328 24.65 27.21 10.22
CA ARG A 328 23.89 28.01 11.21
C ARG A 328 24.43 27.68 12.60
N SER A 329 24.64 28.68 13.46
CA SER A 329 25.12 28.47 14.86
C SER A 329 23.96 28.62 15.83
N PHE A 330 24.09 28.03 17.01
CA PHE A 330 23.15 28.29 18.11
C PHE A 330 22.96 29.81 18.23
N GLU A 331 24.04 30.60 18.12
CA GLU A 331 24.01 32.08 18.27
C GLU A 331 23.08 32.72 17.23
N SER A 332 23.20 32.32 15.96
CA SER A 332 22.47 32.96 14.84
C SER A 332 20.97 32.56 14.86
N VAL A 333 20.60 31.44 15.47
CA VAL A 333 19.19 30.95 15.43
C VAL A 333 18.49 31.09 16.79
N GLN A 334 19.16 31.46 17.89
CA GLN A 334 18.56 31.33 19.24
C GLN A 334 17.28 32.19 19.31
N TYR A 335 17.20 33.32 18.62
CA TYR A 335 16.03 34.23 18.68
C TYR A 335 14.74 33.51 18.32
N MET A 336 14.83 32.43 17.57
CA MET A 336 13.66 31.77 16.95
C MET A 336 13.35 30.45 17.67
N LEU A 337 14.24 29.97 18.54
CA LEU A 337 14.10 28.65 19.23
C LEU A 337 13.17 28.76 20.43
N TYR A 338 12.19 27.88 20.57
CA TYR A 338 11.33 27.87 21.79
C TYR A 338 12.17 27.35 22.98
N PRO A 339 11.79 27.66 24.25
CA PRO A 339 12.66 27.36 25.40
C PRO A 339 13.12 25.90 25.55
N GLU A 340 12.23 24.92 25.37
CA GLU A 340 12.55 23.49 25.56
C GLU A 340 13.55 23.03 24.52
N LEU A 341 13.45 23.56 23.31
CA LEU A 341 14.43 23.27 22.25
C LEU A 341 15.77 23.89 22.62
N LYS A 342 15.83 25.15 23.08
CA LYS A 342 17.12 25.78 23.50
C LYS A 342 17.80 24.86 24.53
N GLU A 343 17.09 24.41 25.56
CA GLU A 343 17.67 23.53 26.62
C GLU A 343 18.06 22.20 25.98
N ALA A 344 17.20 21.62 25.11
CA ALA A 344 17.47 20.36 24.41
C ALA A 344 18.84 20.47 23.72
N LEU A 345 19.11 21.58 23.02
CA LEU A 345 20.32 21.69 22.15
C LEU A 345 21.57 21.99 23.01
N GLN A 346 21.40 22.32 24.28
CA GLN A 346 22.57 22.61 25.17
C GLN A 346 22.73 21.54 26.27
N LEU A 347 21.98 20.43 26.24
CA LEU A 347 22.16 19.34 27.22
C LEU A 347 23.62 18.94 27.16
N PRO A 348 24.34 18.95 28.30
CA PRO A 348 25.69 18.39 28.36
C PRO A 348 25.72 16.90 28.03
N ILE A 349 26.63 16.52 27.15
CA ILE A 349 27.06 15.13 26.81
C ILE A 349 27.04 14.27 28.08
N THR A 350 27.55 14.82 29.19
CA THR A 350 27.80 14.08 30.45
C THR A 350 26.50 13.84 31.20
N GLU A 351 25.46 14.63 30.99
CA GLU A 351 24.19 14.42 31.76
C GLU A 351 23.28 13.46 30.98
N MET A 352 23.72 12.97 29.83
CA MET A 352 22.97 11.92 29.09
C MET A 352 23.50 10.54 29.50
N CYS A 353 22.65 9.53 29.38
CA CYS A 353 23.02 8.12 29.66
C CYS A 353 24.22 7.72 28.79
N GLN A 354 25.30 7.21 29.39
CA GLN A 354 26.59 6.92 28.69
C GLN A 354 26.58 5.48 28.18
N LYS A 355 25.63 4.67 28.64
CA LYS A 355 25.41 3.29 28.15
C LYS A 355 24.75 3.30 26.76
N CYS A 356 23.99 4.33 26.36
CA CYS A 356 23.36 4.39 25.01
C CYS A 356 24.47 4.61 23.99
N THR A 357 24.32 4.08 22.77
CA THR A 357 25.32 4.16 21.67
C THR A 357 25.07 5.38 20.79
N ARG A 358 25.95 6.37 20.90
CA ARG A 358 26.03 7.55 20.02
C ARG A 358 27.10 7.31 18.95
N ARG A 359 27.22 8.24 18.01
CA ARG A 359 28.22 8.19 16.90
C ARG A 359 28.61 9.64 16.57
N GLU A 360 29.73 9.82 15.89
CA GLU A 360 30.25 11.15 15.45
C GLU A 360 29.30 11.67 14.36
N VAL A 361 29.01 10.85 13.36
CA VAL A 361 28.16 11.20 12.19
C VAL A 361 27.07 10.13 12.13
N TYR A 362 25.79 10.56 12.11
CA TYR A 362 24.59 9.70 11.93
C TYR A 362 24.31 9.68 10.42
N GLY A 363 23.35 8.89 9.97
CA GLY A 363 23.05 8.75 8.53
C GLY A 363 24.08 7.89 7.83
N GLY A 364 24.28 8.08 6.52
CA GLY A 364 24.97 7.10 5.69
C GLY A 364 24.17 5.80 5.68
N VAL A 365 24.76 4.69 5.24
CA VAL A 365 23.95 3.48 4.90
C VAL A 365 23.81 2.62 6.17
N SER A 366 22.75 1.83 6.20
CA SER A 366 22.31 1.02 7.35
C SER A 366 21.67 -0.26 6.80
N GLU A 367 21.63 -1.31 7.61
CA GLU A 367 20.99 -2.59 7.23
C GLU A 367 19.45 -2.41 7.25
N GLU A 368 18.75 -3.24 6.46
CA GLU A 368 17.28 -3.47 6.58
C GLU A 368 16.89 -3.56 8.07
N GLY A 369 15.87 -2.79 8.48
CA GLY A 369 15.26 -2.91 9.82
C GLY A 369 15.85 -1.95 10.85
N GLN A 370 16.79 -1.09 10.44
CA GLN A 370 17.51 -0.17 11.38
C GLN A 370 17.07 1.29 11.15
N PHE A 371 16.72 1.98 12.25
CA PHE A 371 16.54 3.46 12.36
C PHE A 371 17.90 4.13 12.46
N GLY A 372 17.95 5.47 12.41
CA GLY A 372 19.15 6.20 11.97
C GLY A 372 19.80 7.09 13.04
N GLY A 373 19.44 6.95 14.32
CA GLY A 373 19.96 7.87 15.35
C GLY A 373 20.66 7.11 16.46
N VAL A 374 20.47 7.56 17.70
CA VAL A 374 20.99 6.91 18.93
C VAL A 374 20.28 5.59 19.10
N VAL A 375 21.02 4.53 19.43
CA VAL A 375 20.53 3.19 19.81
C VAL A 375 20.56 3.15 21.33
N LEU A 376 19.39 3.14 21.97
CA LEU A 376 19.26 3.10 23.44
C LEU A 376 19.87 1.78 23.95
N CYS A 377 20.36 1.82 25.18
CA CYS A 377 20.73 0.64 26.01
C CYS A 377 19.45 0.02 26.58
N LYS A 378 19.55 -1.19 27.14
CA LYS A 378 18.38 -1.93 27.68
C LYS A 378 17.68 -1.10 28.76
N ASP A 379 18.42 -0.45 29.65
CA ASP A 379 17.82 0.30 30.80
C ASP A 379 17.04 1.51 30.27
N SER A 380 17.63 2.22 29.30
CA SER A 380 16.98 3.41 28.71
C SER A 380 15.72 2.90 27.97
N GLN A 381 15.86 1.89 27.12
CA GLN A 381 14.74 1.33 26.34
C GLN A 381 13.63 0.95 27.33
N GLU A 382 13.97 0.37 28.49
CA GLU A 382 12.97 0.01 29.55
C GLU A 382 12.30 1.29 30.08
N GLU A 383 13.08 2.35 30.31
CA GLU A 383 12.58 3.67 30.79
C GLU A 383 11.52 4.22 29.81
N TRP A 384 11.81 4.20 28.50
CA TRP A 384 10.89 4.72 27.44
C TRP A 384 9.62 3.88 27.42
N ARG A 385 9.77 2.55 27.31
CA ARG A 385 8.62 1.60 27.27
C ARG A 385 7.71 1.85 28.47
N HIS A 386 8.30 2.03 29.64
CA HIS A 386 7.50 2.22 30.86
C HIS A 386 6.79 3.59 30.81
N TYR A 387 7.46 4.65 30.36
CA TYR A 387 6.81 5.98 30.25
C TYR A 387 5.58 5.91 29.32
N VAL A 388 5.71 5.24 28.19
CA VAL A 388 4.63 5.22 27.18
C VAL A 388 3.47 4.36 27.72
N ARG A 389 3.80 3.20 28.30
CA ARG A 389 2.78 2.28 28.91
C ARG A 389 2.08 2.99 30.07
N SER A 390 2.67 4.01 30.69
CA SER A 390 2.03 4.72 31.82
C SER A 390 1.13 5.89 31.38
N SER A 391 0.89 6.07 30.07
CA SER A 391 0.31 7.33 29.51
C SER A 391 -1.01 7.66 30.19
N GLU A 392 -1.83 6.64 30.45
CA GLU A 392 -3.24 6.84 30.87
C GLU A 392 -3.31 7.65 32.18
N SER A 393 -2.49 7.32 33.18
CA SER A 393 -2.47 8.04 34.48
C SER A 393 -2.03 9.48 34.22
N ARG A 394 -0.87 9.64 33.57
CA ARG A 394 -0.26 10.95 33.23
C ARG A 394 -1.31 11.86 32.54
N HIS A 395 -1.98 11.34 31.51
CA HIS A 395 -2.87 12.15 30.64
C HIS A 395 -4.18 12.49 31.36
N LEU A 396 -4.79 11.55 32.08
CA LEU A 396 -6.06 11.83 32.82
C LEU A 396 -5.75 12.93 33.85
N ASP A 397 -4.54 12.92 34.41
CA ASP A 397 -4.02 14.05 35.21
C ASP A 397 -3.95 15.30 34.30
N TRP A 398 -3.14 15.28 33.22
CA TRP A 398 -2.81 16.50 32.44
C TRP A 398 -4.05 17.14 31.82
N LEU A 399 -5.06 16.33 31.44
CA LEU A 399 -6.21 16.82 30.64
C LEU A 399 -7.38 17.22 31.53
N GLY A 400 -7.30 16.97 32.84
CA GLY A 400 -8.31 17.39 33.85
C GLY A 400 -9.59 16.54 33.84
N PHE A 401 -9.47 15.22 33.68
CA PHE A 401 -10.63 14.29 33.73
C PHE A 401 -11.00 13.99 35.19
N ASP B 33 -7.96 0.35 26.67
CA ASP B 33 -9.30 0.32 25.98
C ASP B 33 -10.42 0.04 27.01
N GLN B 34 -11.04 1.11 27.52
CA GLN B 34 -12.39 1.16 28.15
C GLN B 34 -13.36 1.86 27.17
N LEU B 35 -14.67 1.59 27.23
CA LEU B 35 -15.68 2.16 26.31
C LEU B 35 -16.17 3.49 26.88
N HIS B 36 -16.45 4.48 26.03
CA HIS B 36 -16.84 5.87 26.39
C HIS B 36 -18.07 6.30 25.55
N TYR B 37 -19.01 6.96 26.21
CA TYR B 37 -20.20 7.54 25.57
C TYR B 37 -20.78 8.53 26.55
N PRO B 38 -21.66 9.42 26.09
CA PRO B 38 -22.22 10.41 26.98
C PRO B 38 -23.14 9.83 28.04
N LYS B 39 -23.23 10.54 29.15
CA LYS B 39 -24.02 10.13 30.34
C LYS B 39 -25.51 10.13 29.97
N GLU B 40 -25.93 10.97 29.03
CA GLU B 40 -27.34 11.08 28.60
C GLU B 40 -27.82 9.72 28.08
N ILE B 41 -26.96 8.79 27.63
CA ILE B 41 -27.45 7.49 27.05
C ILE B 41 -27.05 6.30 27.92
N GLU B 42 -26.33 6.48 29.03
CA GLU B 42 -25.57 5.38 29.69
C GLU B 42 -26.49 4.29 30.25
N ASN B 43 -27.74 4.62 30.54
CA ASN B 43 -28.75 3.65 31.10
C ASN B 43 -29.86 3.32 30.09
N ASP B 44 -29.71 3.64 28.78
CA ASP B 44 -30.64 3.22 27.70
C ASP B 44 -30.64 1.70 27.54
N LEU B 45 -31.68 1.14 26.93
CA LEU B 45 -31.72 -0.29 26.52
C LEU B 45 -31.49 -1.23 27.70
N MET B 46 -31.87 -0.82 28.93
CA MET B 46 -31.68 -1.63 30.16
C MET B 46 -32.72 -2.76 30.23
N ASN B 47 -32.29 -3.99 30.42
CA ASN B 47 -33.15 -5.14 30.84
C ASN B 47 -34.23 -5.37 29.79
N CYS B 48 -33.87 -5.43 28.52
CA CYS B 48 -34.87 -5.59 27.42
C CYS B 48 -34.37 -6.59 26.37
N GLY B 49 -33.46 -7.49 26.74
CA GLY B 49 -33.07 -8.65 25.92
C GLY B 49 -31.59 -8.66 25.59
N LEU B 50 -30.85 -7.59 25.88
CA LEU B 50 -29.39 -7.56 25.66
C LEU B 50 -28.63 -8.04 26.93
N THR B 51 -27.56 -8.81 26.76
CA THR B 51 -26.58 -9.09 27.83
C THR B 51 -25.96 -7.77 28.25
N GLU B 52 -25.22 -7.75 29.36
CA GLU B 52 -24.69 -6.48 29.90
C GLU B 52 -23.55 -6.02 29.00
N LYS B 53 -22.68 -6.92 28.55
CA LYS B 53 -21.61 -6.58 27.59
C LYS B 53 -22.29 -6.06 26.30
N GLU B 54 -23.25 -6.78 25.74
CA GLU B 54 -23.87 -6.34 24.47
C GLU B 54 -24.37 -4.90 24.58
N ARG B 55 -24.99 -4.56 25.69
CA ARG B 55 -25.71 -3.27 25.83
C ARG B 55 -24.71 -2.11 25.80
N VAL B 56 -23.60 -2.26 26.53
CA VAL B 56 -22.58 -1.18 26.57
C VAL B 56 -21.84 -1.16 25.21
N GLU B 57 -21.68 -2.28 24.52
CA GLU B 57 -21.00 -2.31 23.18
C GLU B 57 -21.84 -1.54 22.18
N ILE B 58 -23.15 -1.71 22.28
CA ILE B 58 -24.12 -1.06 21.37
C ILE B 58 -24.10 0.43 21.58
N LEU B 59 -24.18 0.90 22.81
CA LEU B 59 -24.22 2.35 23.09
C LEU B 59 -22.91 3.02 22.65
N ALA B 60 -21.78 2.39 22.94
CA ALA B 60 -20.44 2.89 22.57
C ALA B 60 -20.33 2.93 21.03
N THR B 61 -20.77 1.88 20.35
CA THR B 61 -20.73 1.76 18.87
C THR B 61 -21.61 2.84 18.27
N ALA B 62 -22.79 3.09 18.81
CA ALA B 62 -23.67 4.16 18.25
C ALA B 62 -23.02 5.53 18.38
N TRP B 63 -22.51 5.82 19.56
CA TRP B 63 -21.81 7.09 19.81
C TRP B 63 -20.64 7.25 18.85
N GLU B 64 -19.77 6.26 18.74
CA GLU B 64 -18.57 6.30 17.89
C GLU B 64 -19.01 6.51 16.42
N TYR B 65 -20.02 5.79 15.91
CA TYR B 65 -20.51 6.02 14.52
C TYR B 65 -20.91 7.48 14.33
N VAL B 66 -21.63 8.02 15.27
CA VAL B 66 -22.19 9.39 15.10
C VAL B 66 -21.06 10.41 15.20
N ARG B 67 -20.12 10.21 16.12
CA ARG B 67 -18.96 11.12 16.25
C ARG B 67 -18.11 11.04 14.97
N CYS B 68 -17.94 9.86 14.35
CA CYS B 68 -17.09 9.72 13.12
C CYS B 68 -17.82 10.32 11.90
N GLY B 69 -19.10 10.05 11.76
CA GLY B 69 -19.90 10.46 10.63
C GLY B 69 -20.34 11.91 10.71
N VAL B 70 -20.56 12.44 11.92
CA VAL B 70 -21.15 13.81 12.13
C VAL B 70 -20.29 14.55 13.16
N PRO B 71 -19.00 14.80 12.84
CA PRO B 71 -18.08 15.42 13.78
C PRO B 71 -18.51 16.86 14.11
N GLU B 72 -19.09 17.57 13.15
CA GLU B 72 -19.45 19.01 13.29
C GLU B 72 -20.96 19.08 13.51
N PHE B 73 -21.36 19.64 14.64
CA PHE B 73 -22.79 19.82 15.00
C PHE B 73 -22.92 21.08 15.89
N THR B 74 -24.13 21.60 16.03
CA THR B 74 -24.51 22.72 16.94
C THR B 74 -25.64 22.36 17.92
N ASN B 75 -26.49 21.40 17.62
CA ASN B 75 -27.70 21.11 18.42
C ASN B 75 -27.53 19.80 19.17
N TRP B 76 -27.24 19.89 20.47
CA TRP B 76 -26.95 18.73 21.35
C TRP B 76 -28.18 17.83 21.49
N GLU B 77 -29.36 18.42 21.56
CA GLU B 77 -30.63 17.66 21.71
C GLU B 77 -30.82 16.73 20.48
N LYS B 78 -30.80 17.30 19.29
CA LYS B 78 -30.90 16.55 18.01
C LYS B 78 -29.79 15.49 17.93
N TYR B 79 -28.59 15.86 18.36
CA TYR B 79 -27.42 14.96 18.29
C TYR B 79 -27.72 13.72 19.12
N ILE B 80 -28.19 13.88 20.36
CA ILE B 80 -28.47 12.70 21.23
C ILE B 80 -29.63 11.86 20.67
N ALA B 81 -30.65 12.51 20.14
CA ALA B 81 -31.76 11.81 19.49
C ALA B 81 -31.18 10.88 18.40
N PHE B 82 -30.25 11.39 17.62
CA PHE B 82 -29.68 10.70 16.45
C PHE B 82 -28.80 9.56 16.95
N VAL B 83 -28.10 9.80 18.05
CA VAL B 83 -27.26 8.75 18.69
C VAL B 83 -28.22 7.65 19.11
N ARG B 84 -29.39 7.99 19.66
CA ARG B 84 -30.30 6.95 20.19
C ARG B 84 -30.90 6.19 19.01
N LEU B 85 -31.29 6.91 17.97
CA LEU B 85 -31.75 6.24 16.73
C LEU B 85 -30.68 5.28 16.17
N THR B 86 -29.40 5.63 16.31
CA THR B 86 -28.28 4.82 15.79
C THR B 86 -28.12 3.61 16.70
N ALA B 87 -28.33 3.78 18.00
CA ALA B 87 -28.27 2.64 18.93
C ALA B 87 -29.34 1.62 18.55
N LEU B 88 -30.56 2.04 18.19
CA LEU B 88 -31.62 1.11 17.82
C LEU B 88 -31.30 0.43 16.50
N THR B 89 -30.77 1.17 15.53
CA THR B 89 -30.26 0.62 14.26
C THR B 89 -29.26 -0.49 14.60
N THR B 90 -28.41 -0.24 15.58
CA THR B 90 -27.34 -1.21 15.97
C THR B 90 -27.98 -2.44 16.63
N VAL B 91 -29.04 -2.27 17.43
CA VAL B 91 -29.79 -3.45 17.97
C VAL B 91 -30.36 -4.27 16.80
N ALA B 92 -30.96 -3.61 15.81
CA ALA B 92 -31.59 -4.32 14.67
C ALA B 92 -30.55 -5.15 13.86
N GLU B 93 -29.32 -4.68 13.72
CA GLU B 93 -28.23 -5.37 12.98
C GLU B 93 -27.99 -6.71 13.65
N TYR B 94 -27.85 -6.61 14.97
CA TYR B 94 -27.30 -7.58 15.92
C TYR B 94 -28.41 -8.51 16.42
N ARG B 95 -29.62 -8.00 16.69
CA ARG B 95 -30.66 -8.69 17.51
C ARG B 95 -32.04 -8.22 17.08
N GLY B 96 -32.30 -8.27 15.78
CA GLY B 96 -33.50 -7.72 15.14
C GLY B 96 -34.78 -8.32 15.70
N LYS B 97 -34.74 -9.54 16.22
CA LYS B 97 -35.97 -10.16 16.83
C LYS B 97 -36.44 -9.32 18.03
N LEU B 98 -35.57 -8.52 18.66
CA LEU B 98 -36.00 -7.62 19.79
C LEU B 98 -36.80 -6.41 19.32
N VAL B 99 -36.74 -6.08 18.01
CA VAL B 99 -37.18 -4.76 17.52
C VAL B 99 -38.52 -4.90 16.81
N ASP B 100 -39.52 -4.12 17.25
CA ASP B 100 -40.90 -4.15 16.69
C ASP B 100 -40.91 -3.14 15.55
N ILE B 101 -40.62 -3.64 14.35
CA ILE B 101 -40.47 -2.78 13.14
C ILE B 101 -41.78 -2.01 12.94
N ASP B 102 -42.94 -2.62 13.19
CA ASP B 102 -44.25 -1.99 12.84
C ASP B 102 -44.57 -0.83 13.82
N ARG B 103 -43.85 -0.67 14.94
CA ARG B 103 -44.12 0.42 15.90
C ARG B 103 -43.12 1.58 15.81
N LEU B 104 -42.10 1.48 14.95
CA LEU B 104 -41.04 2.51 14.79
C LEU B 104 -41.65 3.85 14.46
N LEU B 105 -42.62 3.85 13.54
CA LEU B 105 -43.15 5.13 13.02
C LEU B 105 -44.48 5.53 13.70
N THR B 106 -44.88 4.86 14.77
CA THR B 106 -46.17 5.08 15.45
C THR B 106 -45.98 6.10 16.58
N PRO B 107 -46.66 7.27 16.56
CA PRO B 107 -46.65 8.19 17.71
C PRO B 107 -47.03 7.51 19.04
N GLY B 108 -46.35 7.85 20.12
CA GLY B 108 -46.60 7.31 21.48
C GLY B 108 -45.87 6.01 21.79
N GLU B 109 -45.37 5.30 20.77
CA GLU B 109 -44.85 3.93 20.94
C GLU B 109 -43.40 4.04 21.40
N TYR B 110 -43.05 3.21 22.38
CA TYR B 110 -41.69 2.98 22.91
C TYR B 110 -41.21 1.66 22.32
N VAL B 111 -40.07 1.66 21.65
CA VAL B 111 -39.39 0.40 21.24
C VAL B 111 -38.11 0.28 22.05
N LEU B 112 -38.02 -0.72 22.91
CA LEU B 112 -36.83 -1.03 23.73
C LEU B 112 -36.44 0.24 24.54
N GLY B 113 -37.45 0.97 24.99
CA GLY B 113 -37.29 2.13 25.88
C GLY B 113 -37.12 3.42 25.12
N TYR B 114 -37.21 3.41 23.77
CA TYR B 114 -37.01 4.62 22.92
C TYR B 114 -38.32 5.04 22.29
N PRO B 115 -38.72 6.33 22.39
CA PRO B 115 -39.87 6.85 21.65
C PRO B 115 -39.43 7.17 20.22
N VAL B 116 -39.40 6.12 19.41
CA VAL B 116 -38.67 6.20 18.12
C VAL B 116 -39.23 7.35 17.30
N ARG B 117 -40.53 7.41 17.15
CA ARG B 117 -41.16 8.44 16.29
C ARG B 117 -40.91 9.83 16.90
N GLU B 118 -40.87 9.97 18.22
CA GLU B 118 -40.56 11.30 18.84
C GLU B 118 -39.08 11.66 18.51
N LEU B 119 -38.14 10.72 18.67
CA LEU B 119 -36.71 10.92 18.28
C LEU B 119 -36.62 11.38 16.82
N LEU B 120 -37.29 10.72 15.90
CA LEU B 120 -37.21 11.07 14.45
C LEU B 120 -37.85 12.44 14.17
N ASP B 121 -38.86 12.82 14.96
CA ASP B 121 -39.52 14.14 14.85
C ASP B 121 -38.56 15.20 15.39
N THR B 122 -37.98 14.99 16.58
CA THR B 122 -36.94 15.92 17.12
C THR B 122 -35.90 16.19 16.02
N LEU B 123 -35.48 15.16 15.26
CA LEU B 123 -34.34 15.32 14.33
C LEU B 123 -34.84 15.96 13.04
N PHE B 124 -35.95 15.54 12.49
CA PHE B 124 -36.27 15.87 11.08
C PHE B 124 -37.55 16.74 10.90
N ALA B 125 -38.48 16.78 11.87
CA ALA B 125 -39.82 17.43 11.64
C ALA B 125 -39.57 18.89 11.25
N GLY B 126 -40.24 19.34 10.20
CA GLY B 126 -40.12 20.72 9.68
C GLY B 126 -38.85 20.92 8.88
N THR B 127 -38.36 19.85 8.28
CA THR B 127 -37.36 19.86 7.19
C THR B 127 -38.08 19.37 5.93
N SER B 128 -37.53 19.68 4.77
CA SER B 128 -38.02 19.24 3.44
C SER B 128 -37.88 17.72 3.26
N VAL B 129 -37.16 17.02 4.14
CA VAL B 129 -36.88 15.56 3.96
C VAL B 129 -37.60 14.75 5.03
N TYR B 130 -38.51 15.36 5.83
CA TYR B 130 -39.16 14.68 6.98
C TYR B 130 -39.75 13.31 6.58
N GLU B 131 -40.64 13.27 5.60
CA GLU B 131 -41.40 12.03 5.24
C GLU B 131 -40.42 10.99 4.64
N ALA B 132 -39.57 11.41 3.70
CA ALA B 132 -38.51 10.57 3.08
C ALA B 132 -37.63 9.92 4.18
N MET B 133 -37.31 10.64 5.27
CA MET B 133 -36.38 10.12 6.30
C MET B 133 -37.09 9.15 7.25
N LEU B 134 -38.39 9.33 7.49
CA LEU B 134 -39.15 8.32 8.27
C LEU B 134 -39.06 6.97 7.54
N GLN B 135 -39.20 6.99 6.23
CA GLN B 135 -39.25 5.80 5.35
C GLN B 135 -37.82 5.21 5.24
N GLU B 136 -36.83 6.09 5.09
CA GLU B 136 -35.40 5.71 5.02
C GLU B 136 -35.05 4.96 6.29
N TYR B 137 -35.43 5.45 7.47
CA TYR B 137 -35.10 4.82 8.76
C TYR B 137 -35.79 3.47 8.88
N ALA B 138 -37.12 3.47 8.75
CA ALA B 138 -37.93 2.24 8.92
C ALA B 138 -37.45 1.16 7.92
N SER B 139 -37.23 1.53 6.67
CA SER B 139 -36.85 0.61 5.56
C SER B 139 -35.50 -0.03 5.84
N CYS B 140 -34.59 0.74 6.44
CA CYS B 140 -33.28 0.25 6.88
C CYS B 140 -33.48 -0.80 7.93
N LEU B 141 -34.17 -0.50 9.03
CA LEU B 141 -34.30 -1.44 10.16
C LEU B 141 -35.08 -2.68 9.73
N LEU B 142 -36.13 -2.51 8.90
CA LEU B 142 -36.93 -3.65 8.36
C LEU B 142 -35.98 -4.69 7.74
N PHE B 143 -35.11 -4.31 6.82
CA PHE B 143 -34.26 -5.32 6.12
C PHE B 143 -33.10 -5.79 7.03
N MET B 144 -32.67 -4.98 7.98
CA MET B 144 -31.66 -5.47 8.95
C MET B 144 -32.27 -6.62 9.76
N ALA B 145 -33.52 -6.51 10.20
CA ALA B 145 -34.21 -7.57 10.98
C ALA B 145 -34.52 -8.76 10.07
N GLU B 146 -34.94 -8.53 8.82
CA GLU B 146 -35.22 -9.64 7.87
C GLU B 146 -33.94 -10.48 7.64
N LYS B 147 -32.77 -9.87 7.51
CA LYS B 147 -31.50 -10.58 7.16
C LYS B 147 -31.10 -11.59 8.25
N THR B 148 -31.54 -11.47 9.50
CA THR B 148 -31.13 -12.40 10.60
C THR B 148 -32.25 -13.35 11.07
N ARG B 149 -33.44 -13.33 10.50
CA ARG B 149 -34.45 -14.37 10.85
C ARG B 149 -33.83 -15.74 10.55
N ASP B 150 -34.24 -16.76 11.31
CA ASP B 150 -33.86 -18.19 11.13
C ASP B 150 -34.27 -18.66 9.73
N HIS B 151 -35.48 -18.35 9.29
CA HIS B 151 -36.01 -18.75 7.96
C HIS B 151 -35.96 -17.53 7.05
N GLN B 152 -35.54 -17.71 5.81
CA GLN B 152 -35.61 -16.66 4.78
C GLN B 152 -37.07 -16.37 4.44
N SER B 153 -37.54 -15.17 4.64
CA SER B 153 -38.87 -14.74 4.15
C SER B 153 -38.82 -14.48 2.64
N ASP B 154 -40.00 -14.49 2.05
CA ASP B 154 -40.29 -13.98 0.69
C ASP B 154 -39.68 -12.59 0.49
N LEU B 155 -39.93 -11.69 1.43
CA LEU B 155 -39.50 -10.27 1.41
C LEU B 155 -37.96 -10.21 1.35
N CYS B 156 -37.28 -11.03 2.15
CA CYS B 156 -35.81 -11.10 2.17
C CYS B 156 -35.28 -11.58 0.81
N LYS B 157 -35.88 -12.60 0.22
CA LYS B 157 -35.42 -13.12 -1.08
C LYS B 157 -35.61 -12.05 -2.16
N LYS B 158 -36.69 -11.31 -2.14
CA LYS B 158 -36.93 -10.24 -3.14
C LYS B 158 -35.91 -9.11 -2.99
N TYR B 159 -35.52 -8.77 -1.75
CA TYR B 159 -34.45 -7.78 -1.54
C TYR B 159 -33.14 -8.31 -2.11
N ILE B 160 -32.80 -9.55 -1.81
CA ILE B 160 -31.52 -10.15 -2.27
C ILE B 160 -31.47 -10.10 -3.80
N GLU B 161 -32.60 -10.38 -4.44
CA GLU B 161 -32.65 -10.41 -5.94
C GLU B 161 -32.70 -8.96 -6.49
N ALA B 162 -33.38 -8.03 -5.85
CA ALA B 162 -33.44 -6.61 -6.26
C ALA B 162 -32.05 -5.99 -6.25
N ILE B 163 -31.28 -6.21 -5.18
CA ILE B 163 -29.97 -5.52 -5.08
C ILE B 163 -28.99 -6.02 -6.15
N ALA B 164 -29.23 -7.18 -6.76
CA ALA B 164 -28.35 -7.74 -7.82
C ALA B 164 -28.90 -7.42 -9.20
N SER B 165 -30.03 -6.71 -9.32
CA SER B 165 -30.74 -6.50 -10.60
C SER B 165 -30.11 -5.40 -11.46
N SER B 166 -29.45 -4.39 -10.88
CA SER B 166 -28.72 -3.31 -11.60
C SER B 166 -27.80 -2.60 -10.63
N PRO B 167 -26.70 -2.02 -11.10
CA PRO B 167 -25.76 -1.35 -10.21
C PRO B 167 -26.38 -0.10 -9.60
N SER B 168 -27.22 0.62 -10.33
CA SER B 168 -27.89 1.81 -9.79
C SER B 168 -28.85 1.35 -8.69
N ARG B 169 -29.46 0.18 -8.82
CA ARG B 169 -30.38 -0.30 -7.79
C ARG B 169 -29.59 -0.74 -6.55
N TYR B 170 -28.45 -1.43 -6.76
CA TYR B 170 -27.56 -1.84 -5.66
C TYR B 170 -27.29 -0.58 -4.80
N TYR B 171 -26.91 0.51 -5.45
CA TYR B 171 -26.43 1.71 -4.74
C TYR B 171 -27.57 2.36 -3.96
N ARG B 172 -28.75 2.47 -4.53
CA ARG B 172 -29.88 3.11 -3.83
C ARG B 172 -30.26 2.30 -2.59
N LEU B 173 -30.40 0.97 -2.71
CA LEU B 173 -30.81 0.08 -1.60
C LEU B 173 -29.67 0.00 -0.58
N ARG B 174 -28.42 -0.04 -1.01
CA ARG B 174 -27.30 -0.07 -0.07
C ARG B 174 -27.19 1.28 0.67
N ASP B 175 -27.54 2.37 0.01
CA ASP B 175 -27.61 3.74 0.58
C ASP B 175 -28.47 3.68 1.86
N CYS B 176 -29.70 3.20 1.77
CA CYS B 176 -30.61 3.04 2.92
C CYS B 176 -30.01 2.08 3.95
N ASP B 177 -29.51 0.90 3.52
CA ASP B 177 -28.90 -0.11 4.43
C ASP B 177 -27.78 0.53 5.25
N ALA B 178 -26.88 1.28 4.65
CA ALA B 178 -25.68 1.90 5.27
C ALA B 178 -26.03 3.24 5.91
N GLN B 179 -27.27 3.72 5.67
CA GLN B 179 -27.86 4.99 6.12
C GLN B 179 -27.03 6.17 5.63
N VAL B 180 -26.64 6.19 4.35
CA VAL B 180 -25.74 7.26 3.82
C VAL B 180 -26.55 8.57 3.73
N ARG B 181 -27.62 8.59 2.97
CA ARG B 181 -28.36 9.88 2.82
C ARG B 181 -29.01 10.22 4.17
N LEU B 182 -29.40 9.23 4.97
CA LEU B 182 -29.99 9.53 6.31
C LEU B 182 -28.96 10.25 7.20
N PHE B 183 -27.73 9.80 7.24
CA PHE B 183 -26.66 10.45 8.02
C PHE B 183 -26.34 11.84 7.51
N ILE B 184 -26.34 12.06 6.19
CA ILE B 184 -26.01 13.37 5.60
C ILE B 184 -27.11 14.35 5.98
N ALA B 185 -28.37 13.91 5.85
CA ALA B 185 -29.55 14.73 6.23
C ALA B 185 -29.52 14.98 7.74
N ALA B 186 -29.20 13.97 8.55
CA ALA B 186 -29.11 14.12 10.03
C ALA B 186 -28.01 15.14 10.39
N ALA B 187 -26.88 15.09 9.70
CA ALA B 187 -25.74 16.00 9.93
C ALA B 187 -26.22 17.44 9.70
N VAL B 188 -26.90 17.69 8.61
CA VAL B 188 -27.41 19.06 8.32
C VAL B 188 -28.44 19.49 9.40
N ALA B 189 -29.39 18.64 9.72
CA ALA B 189 -30.39 18.90 10.80
C ALA B 189 -29.69 19.17 12.14
N CYS B 190 -28.54 18.54 12.44
CA CYS B 190 -27.88 18.70 13.77
C CYS B 190 -27.09 20.00 13.80
N ASN B 191 -26.99 20.67 12.65
CA ASN B 191 -26.44 22.04 12.48
C ASN B 191 -27.59 23.07 12.31
N ASP B 192 -28.84 22.67 12.58
CA ASP B 192 -30.07 23.52 12.62
C ASP B 192 -30.31 24.12 11.22
N LEU B 193 -30.10 23.33 10.18
CA LEU B 193 -30.29 23.74 8.76
C LEU B 193 -31.25 22.75 8.11
N ASP B 194 -31.70 23.09 6.92
CA ASP B 194 -32.72 22.33 6.17
C ASP B 194 -31.99 21.71 4.99
N PRO B 195 -31.80 20.38 4.98
CA PRO B 195 -31.11 19.72 3.86
C PRO B 195 -31.75 20.18 2.55
N ASP B 196 -30.95 20.57 1.58
CA ASP B 196 -31.47 20.93 0.25
C ASP B 196 -30.56 20.32 -0.84
N PHE B 197 -30.05 19.11 -0.63
CA PHE B 197 -29.45 18.31 -1.73
C PHE B 197 -30.57 17.80 -2.60
N THR B 198 -30.31 17.71 -3.91
CA THR B 198 -31.24 17.14 -4.92
C THR B 198 -31.14 15.61 -4.90
N GLU B 199 -32.12 14.93 -5.48
CA GLU B 199 -32.14 13.44 -5.55
C GLU B 199 -30.81 12.96 -6.12
N MET B 200 -30.30 13.66 -7.12
CA MET B 200 -29.13 13.20 -7.90
C MET B 200 -27.82 13.47 -7.15
N GLU B 201 -27.76 14.52 -6.33
CA GLU B 201 -26.62 14.74 -5.39
C GLU B 201 -26.60 13.57 -4.40
N TYR B 202 -27.73 13.19 -3.84
CA TYR B 202 -27.79 12.07 -2.86
C TYR B 202 -27.29 10.81 -3.58
N GLN B 203 -27.62 10.63 -4.86
CA GLN B 203 -27.25 9.41 -5.59
C GLN B 203 -25.76 9.42 -5.84
N ALA B 204 -25.18 10.56 -6.23
CA ALA B 204 -23.71 10.64 -6.44
C ALA B 204 -22.97 10.39 -5.13
N MET B 205 -23.41 11.05 -4.06
CA MET B 205 -22.75 10.92 -2.75
C MET B 205 -22.80 9.46 -2.28
N ALA B 206 -23.98 8.82 -2.37
CA ALA B 206 -24.14 7.40 -2.02
C ALA B 206 -23.16 6.59 -2.88
N GLU B 207 -23.05 6.87 -4.20
CA GLU B 207 -22.19 6.01 -5.03
C GLU B 207 -20.76 6.17 -4.56
N ILE B 208 -20.34 7.40 -4.24
CA ILE B 208 -18.94 7.62 -3.82
C ILE B 208 -18.74 6.87 -2.50
N GLY B 209 -19.63 7.11 -1.54
CA GLY B 209 -19.38 6.56 -0.19
C GLY B 209 -19.36 5.03 -0.15
N ILE B 210 -20.34 4.42 -0.77
CA ILE B 210 -20.46 2.93 -0.85
C ILE B 210 -19.27 2.33 -1.60
N THR B 211 -18.85 2.93 -2.72
CA THR B 211 -17.68 2.36 -3.44
C THR B 211 -16.48 2.29 -2.51
N LEU B 212 -16.27 3.31 -1.66
CA LEU B 212 -15.12 3.30 -0.76
C LEU B 212 -15.33 2.30 0.37
N TYR B 213 -16.49 2.38 1.03
CA TYR B 213 -16.80 1.58 2.24
C TYR B 213 -16.82 0.10 1.87
N ASP B 214 -17.51 -0.29 0.80
CA ASP B 214 -17.60 -1.74 0.47
C ASP B 214 -16.21 -2.25 0.16
N ALA B 215 -15.31 -1.41 -0.33
CA ALA B 215 -13.94 -1.86 -0.66
C ALA B 215 -13.17 -2.20 0.59
N VAL B 216 -13.24 -1.32 1.59
CA VAL B 216 -12.49 -1.59 2.84
C VAL B 216 -13.11 -2.76 3.63
N ALA B 217 -14.43 -2.89 3.62
CA ALA B 217 -15.15 -3.95 4.34
C ALA B 217 -15.13 -5.27 3.54
N PHE B 218 -14.48 -5.29 2.38
CA PHE B 218 -14.51 -6.45 1.44
C PHE B 218 -14.26 -7.80 2.12
N TYR B 219 -13.15 -8.00 2.81
CA TYR B 219 -12.75 -9.32 3.36
C TYR B 219 -13.71 -9.73 4.48
N LYS B 220 -14.07 -8.80 5.34
CA LYS B 220 -15.01 -9.05 6.46
C LYS B 220 -16.34 -9.54 5.86
N HIS B 221 -16.83 -8.85 4.83
CA HIS B 221 -18.12 -9.17 4.17
C HIS B 221 -18.02 -10.55 3.50
N ARG B 222 -16.94 -10.80 2.79
CA ARG B 222 -16.77 -12.09 2.10
C ARG B 222 -16.78 -13.23 3.13
N ALA B 223 -16.08 -13.06 4.25
CA ALA B 223 -16.00 -14.04 5.36
C ALA B 223 -17.40 -14.38 5.92
N GLU B 224 -18.34 -13.42 5.94
CA GLU B 224 -19.70 -13.61 6.49
C GLU B 224 -20.70 -13.97 5.38
N ALA B 225 -20.26 -14.23 4.16
CA ALA B 225 -21.16 -14.47 3.00
C ALA B 225 -22.23 -13.36 2.97
N GLU B 226 -21.82 -12.11 3.14
CA GLU B 226 -22.75 -10.97 3.02
C GLU B 226 -23.35 -10.87 1.59
N VAL B 227 -24.55 -10.32 1.43
CA VAL B 227 -25.15 -10.01 0.09
C VAL B 227 -24.90 -8.54 -0.26
N SER B 228 -24.73 -7.68 0.74
CA SER B 228 -24.70 -6.21 0.50
C SER B 228 -23.24 -5.73 0.41
N ASN B 229 -22.54 -6.14 -0.63
CA ASN B 229 -21.18 -5.66 -0.97
C ASN B 229 -21.10 -5.45 -2.48
N LEU B 230 -20.76 -4.26 -2.92
CA LEU B 230 -20.68 -3.91 -4.37
C LEU B 230 -19.85 -4.95 -5.13
N TYR B 231 -18.72 -5.37 -4.54
CA TYR B 231 -17.72 -6.25 -5.16
C TYR B 231 -18.20 -7.71 -5.23
N ALA B 232 -19.27 -8.09 -4.53
CA ALA B 232 -19.94 -9.41 -4.73
C ALA B 232 -20.43 -9.51 -6.18
N TYR B 233 -20.72 -8.37 -6.81
CA TYR B 233 -21.41 -8.24 -8.10
C TYR B 233 -20.38 -7.86 -9.17
N CYS B 234 -19.59 -6.81 -8.89
CA CYS B 234 -18.55 -6.26 -9.82
C CYS B 234 -17.42 -7.25 -10.04
N GLY B 235 -17.05 -7.97 -9.00
CA GLY B 235 -15.97 -8.96 -9.06
C GLY B 235 -14.99 -8.72 -7.94
N GLN B 236 -14.14 -9.72 -7.70
CA GLN B 236 -13.29 -9.85 -6.50
C GLN B 236 -11.83 -9.57 -6.81
N ASP B 237 -11.48 -9.25 -8.06
CA ASP B 237 -10.06 -8.87 -8.37
C ASP B 237 -9.70 -7.52 -7.70
N LEU B 238 -8.58 -7.51 -7.02
CA LEU B 238 -8.01 -6.34 -6.33
C LEU B 238 -7.84 -5.16 -7.32
N GLU B 239 -7.53 -5.41 -8.59
CA GLU B 239 -7.14 -4.34 -9.53
C GLU B 239 -8.38 -3.47 -9.78
N PHE B 240 -9.56 -4.06 -9.87
CA PHE B 240 -10.78 -3.29 -10.12
C PHE B 240 -11.07 -2.45 -8.86
N ARG B 241 -10.80 -3.03 -7.69
CA ARG B 241 -11.09 -2.44 -6.37
C ARG B 241 -10.19 -1.19 -6.18
N GLN B 242 -8.88 -1.34 -6.34
CA GLN B 242 -7.89 -0.23 -6.37
C GLN B 242 -8.35 0.89 -7.31
N GLU B 243 -8.73 0.53 -8.52
CA GLU B 243 -8.92 1.52 -9.59
C GLU B 243 -10.14 2.34 -9.18
N VAL B 244 -11.22 1.67 -8.76
CA VAL B 244 -12.48 2.41 -8.58
C VAL B 244 -12.45 3.13 -7.19
N TYR B 245 -11.67 2.64 -6.25
CA TYR B 245 -11.48 3.31 -4.95
C TYR B 245 -10.72 4.63 -5.19
N GLN B 246 -9.64 4.57 -5.97
CA GLN B 246 -8.84 5.75 -6.38
C GLN B 246 -9.74 6.78 -7.04
N THR B 247 -10.63 6.40 -7.97
CA THR B 247 -11.52 7.36 -8.64
C THR B 247 -12.49 7.97 -7.62
N ALA B 248 -13.17 7.15 -6.82
CA ALA B 248 -14.20 7.63 -5.87
C ALA B 248 -13.54 8.63 -4.89
N ARG B 249 -12.36 8.30 -4.41
CA ARG B 249 -11.62 9.16 -3.45
C ARG B 249 -11.20 10.49 -4.10
N SER B 250 -10.78 10.44 -5.35
CA SER B 250 -10.41 11.60 -6.17
C SER B 250 -11.63 12.46 -6.40
N THR B 251 -12.78 11.85 -6.66
CA THR B 251 -14.03 12.62 -6.82
C THR B 251 -14.37 13.31 -5.50
N LEU B 252 -14.17 12.60 -4.41
CA LEU B 252 -14.56 13.10 -3.09
C LEU B 252 -13.66 14.31 -2.74
N TRP B 253 -12.38 14.27 -3.03
CA TRP B 253 -11.45 15.44 -2.89
C TRP B 253 -11.89 16.61 -3.75
N ALA B 254 -12.33 16.40 -4.98
CA ALA B 254 -12.88 17.51 -5.83
C ALA B 254 -14.15 18.04 -5.17
N LEU B 255 -14.98 17.17 -4.63
CA LEU B 255 -16.25 17.60 -4.01
C LEU B 255 -15.93 18.43 -2.77
N GLU B 256 -14.96 17.99 -2.00
CA GLU B 256 -14.51 18.64 -0.75
C GLU B 256 -13.95 20.03 -1.08
N THR B 257 -13.15 20.14 -2.14
CA THR B 257 -12.56 21.42 -2.55
C THR B 257 -13.68 22.39 -2.91
N MET B 258 -14.74 21.90 -3.55
CA MET B 258 -15.86 22.75 -4.03
C MET B 258 -16.78 23.12 -2.89
N TRP B 259 -16.99 22.26 -1.91
CA TRP B 259 -18.11 22.41 -0.95
C TRP B 259 -17.62 22.80 0.45
N CYS B 260 -16.32 22.85 0.73
CA CYS B 260 -15.84 22.95 2.14
C CYS B 260 -16.16 24.29 2.82
N LYS B 261 -16.69 25.27 2.10
CA LYS B 261 -16.97 26.60 2.70
C LYS B 261 -18.38 26.69 3.27
N THR B 262 -19.28 25.72 3.04
CA THR B 262 -20.63 25.79 3.67
C THR B 262 -20.80 24.66 4.69
N VAL B 263 -21.69 24.90 5.63
CA VAL B 263 -21.97 23.95 6.73
C VAL B 263 -22.59 22.70 6.12
N GLN B 264 -23.49 22.88 5.16
CA GLN B 264 -24.17 21.75 4.47
C GLN B 264 -23.14 20.94 3.65
N GLY B 265 -22.23 21.57 2.90
CA GLY B 265 -21.12 20.94 2.15
C GLY B 265 -20.22 20.08 3.05
N ARG B 266 -19.77 20.63 4.17
CA ARG B 266 -18.91 19.96 5.15
C ARG B 266 -19.66 18.80 5.80
N SER B 267 -20.95 18.94 6.05
CA SER B 267 -21.82 17.91 6.62
C SER B 267 -21.80 16.67 5.72
N ALA B 268 -21.84 16.89 4.40
CA ALA B 268 -21.79 15.78 3.43
C ALA B 268 -20.39 15.18 3.39
N ILE B 269 -19.37 16.00 3.15
CA ILE B 269 -17.94 15.61 3.07
C ILE B 269 -17.56 14.72 4.27
N ASN B 270 -17.88 15.19 5.47
CA ASN B 270 -17.44 14.58 6.72
C ASN B 270 -18.00 13.17 6.77
N LEU B 271 -19.25 13.02 6.40
CA LEU B 271 -19.81 11.66 6.45
C LEU B 271 -19.12 10.77 5.40
N LEU B 272 -18.99 11.21 4.16
CA LEU B 272 -18.50 10.31 3.09
C LEU B 272 -17.04 9.99 3.33
N LYS B 273 -16.25 10.98 3.69
CA LYS B 273 -14.80 10.78 3.84
C LYS B 273 -14.54 9.81 4.99
N ASN B 274 -15.36 9.85 6.04
CA ASN B 274 -15.08 9.04 7.24
C ASN B 274 -15.66 7.63 7.13
N LEU B 275 -16.49 7.36 6.13
CA LEU B 275 -17.00 5.98 5.95
C LEU B 275 -15.88 4.95 5.92
N PRO B 276 -14.89 4.99 5.01
CA PRO B 276 -13.85 3.95 5.07
C PRO B 276 -12.96 4.09 6.29
N LEU B 277 -12.80 5.29 6.86
CA LEU B 277 -11.78 5.53 7.94
C LEU B 277 -12.23 4.91 9.28
N ILE B 278 -13.51 4.63 9.48
CA ILE B 278 -13.96 4.00 10.76
C ILE B 278 -13.27 2.65 11.03
N HIS B 279 -12.83 1.93 10.00
CA HIS B 279 -12.02 0.69 10.14
C HIS B 279 -10.76 0.94 11.00
N MET B 280 -10.22 2.16 11.01
CA MET B 280 -9.08 2.55 11.87
C MET B 280 -9.58 3.29 13.10
N SER B 281 -10.64 4.11 13.02
CA SER B 281 -10.97 5.08 14.10
C SER B 281 -11.89 4.45 15.18
N MET B 282 -12.71 3.49 14.83
CA MET B 282 -13.70 2.86 15.73
C MET B 282 -13.16 1.56 16.38
N ARG B 283 -13.43 1.38 17.67
CA ARG B 283 -13.02 0.18 18.45
C ARG B 283 -13.84 -1.03 18.02
N ARG B 284 -15.07 -0.86 17.51
CA ARG B 284 -15.82 -1.97 16.87
C ARG B 284 -14.97 -2.70 15.80
N TYR B 285 -14.07 -2.04 15.05
CA TYR B 285 -13.34 -2.71 13.94
C TYR B 285 -12.03 -3.26 14.49
N ARG B 286 -11.22 -3.85 13.61
CA ARG B 286 -10.17 -4.81 14.06
C ARG B 286 -8.78 -4.28 13.74
N PHE B 287 -8.60 -2.97 13.49
CA PHE B 287 -7.27 -2.37 13.14
C PHE B 287 -6.18 -2.87 14.12
N VAL B 288 -6.42 -2.73 15.41
CA VAL B 288 -5.45 -3.11 16.48
C VAL B 288 -5.28 -4.65 16.50
N GLU B 289 -6.39 -5.36 16.70
CA GLU B 289 -6.45 -6.84 16.78
C GLU B 289 -5.77 -7.46 15.57
N ASP B 290 -5.84 -6.84 14.39
CA ASP B 290 -5.21 -7.36 13.13
C ASP B 290 -3.71 -7.01 13.03
N GLY B 291 -3.07 -6.44 14.04
CA GLY B 291 -1.64 -6.10 13.95
C GLY B 291 -1.42 -4.70 13.41
N LEU B 292 -2.34 -3.76 13.70
CA LEU B 292 -2.35 -2.41 13.07
C LEU B 292 -2.31 -2.61 11.57
N THR B 293 -3.30 -3.31 11.03
CA THR B 293 -3.44 -3.43 9.57
C THR B 293 -4.87 -3.25 9.13
N ILE B 294 -4.98 -2.83 7.88
CA ILE B 294 -6.20 -2.81 7.06
C ILE B 294 -5.82 -3.67 5.87
N GLY B 295 -6.75 -4.52 5.44
CA GLY B 295 -6.69 -5.22 4.16
C GLY B 295 -6.35 -6.69 4.26
N LYS B 296 -6.08 -7.22 5.46
CA LYS B 296 -5.48 -8.59 5.60
C LYS B 296 -6.57 -9.66 5.49
N PRO B 297 -6.63 -10.43 4.38
CA PRO B 297 -7.50 -11.61 4.32
C PRO B 297 -7.37 -12.58 5.52
N PRO B 323 -39.67 -21.49 13.07
CA PRO B 323 -40.93 -20.81 12.72
C PRO B 323 -41.50 -20.11 13.97
N ALA B 324 -40.68 -19.30 14.67
CA ALA B 324 -40.97 -18.58 15.94
C ALA B 324 -41.91 -17.41 15.65
N GLU B 325 -42.00 -17.12 14.35
CA GLU B 325 -42.00 -15.78 13.73
C GLU B 325 -43.10 -15.87 12.65
N MET B 326 -44.20 -15.14 12.77
CA MET B 326 -45.07 -14.91 11.58
C MET B 326 -44.26 -14.08 10.57
N GLU B 327 -44.34 -14.37 9.28
CA GLU B 327 -43.57 -13.67 8.22
C GLU B 327 -44.25 -12.35 7.88
N ARG B 328 -43.47 -11.29 7.69
CA ARG B 328 -43.92 -10.00 7.16
C ARG B 328 -44.21 -10.20 5.66
N SER B 329 -45.18 -9.47 5.11
CA SER B 329 -45.54 -9.50 3.68
C SER B 329 -45.22 -8.13 3.13
N PHE B 330 -45.07 -8.05 1.83
CA PHE B 330 -44.97 -6.77 1.10
C PHE B 330 -46.10 -5.85 1.59
N GLU B 331 -47.34 -6.37 1.67
CA GLU B 331 -48.54 -5.52 1.89
C GLU B 331 -48.52 -5.02 3.34
N SER B 332 -48.08 -5.84 4.30
CA SER B 332 -47.96 -5.43 5.73
C SER B 332 -46.86 -4.37 5.91
N VAL B 333 -45.90 -4.19 4.99
CA VAL B 333 -44.79 -3.22 5.25
C VAL B 333 -44.82 -2.09 4.24
N GLN B 334 -45.58 -2.14 3.16
CA GLN B 334 -45.42 -1.15 2.05
C GLN B 334 -45.59 0.31 2.55
N TYR B 335 -46.30 0.58 3.62
CA TYR B 335 -46.49 1.99 4.08
C TYR B 335 -45.12 2.60 4.42
N MET B 336 -44.16 1.80 4.88
CA MET B 336 -42.88 2.36 5.40
C MET B 336 -41.81 2.42 4.31
N LEU B 337 -42.07 1.91 3.09
CA LEU B 337 -41.00 1.78 2.07
C LEU B 337 -40.87 3.10 1.31
N TYR B 338 -39.65 3.50 0.96
CA TYR B 338 -39.37 4.65 0.06
C TYR B 338 -39.65 4.14 -1.34
N PRO B 339 -39.95 5.04 -2.31
CA PRO B 339 -40.45 4.63 -3.62
C PRO B 339 -39.62 3.60 -4.40
N GLU B 340 -38.31 3.77 -4.46
CA GLU B 340 -37.38 2.87 -5.19
C GLU B 340 -37.36 1.48 -4.55
N LEU B 341 -37.55 1.37 -3.23
CA LEU B 341 -37.58 0.04 -2.60
C LEU B 341 -38.95 -0.59 -2.89
N LYS B 342 -40.03 0.18 -2.79
CA LYS B 342 -41.40 -0.28 -3.11
C LYS B 342 -41.40 -0.89 -4.52
N GLU B 343 -40.76 -0.22 -5.48
CA GLU B 343 -40.63 -0.66 -6.89
C GLU B 343 -39.73 -1.90 -6.97
N ALA B 344 -38.53 -1.84 -6.38
CA ALA B 344 -37.55 -2.95 -6.48
C ALA B 344 -38.18 -4.27 -5.97
N LEU B 345 -38.99 -4.23 -4.92
CA LEU B 345 -39.53 -5.47 -4.31
C LEU B 345 -40.67 -6.05 -5.19
N GLN B 346 -41.14 -5.33 -6.19
CA GLN B 346 -42.28 -5.77 -7.07
C GLN B 346 -41.78 -5.97 -8.49
N LEU B 347 -40.48 -6.07 -8.72
CA LEU B 347 -39.96 -6.30 -10.09
C LEU B 347 -40.29 -7.72 -10.48
N PRO B 348 -40.88 -7.96 -11.67
CA PRO B 348 -41.10 -9.33 -12.10
C PRO B 348 -39.70 -9.90 -12.36
N ILE B 349 -39.40 -11.14 -11.93
CA ILE B 349 -38.06 -11.77 -12.21
C ILE B 349 -37.99 -12.14 -13.71
N THR B 350 -39.11 -12.03 -14.44
CA THR B 350 -39.14 -12.05 -15.93
C THR B 350 -38.34 -10.84 -16.46
N GLU B 351 -38.43 -9.67 -15.81
CA GLU B 351 -37.74 -8.40 -16.22
C GLU B 351 -36.27 -8.34 -15.77
N MET B 352 -35.78 -9.39 -15.09
CA MET B 352 -34.40 -9.46 -14.57
C MET B 352 -33.60 -10.30 -15.57
N CYS B 353 -32.28 -10.27 -15.48
CA CYS B 353 -31.39 -11.03 -16.37
C CYS B 353 -31.50 -12.53 -16.03
N GLN B 354 -31.82 -13.40 -17.00
CA GLN B 354 -32.15 -14.82 -16.73
C GLN B 354 -30.86 -15.62 -16.64
N LYS B 355 -29.77 -15.09 -17.17
CA LYS B 355 -28.47 -15.81 -17.16
C LYS B 355 -27.77 -15.72 -15.79
N CYS B 356 -28.04 -14.68 -14.99
CA CYS B 356 -27.50 -14.59 -13.59
C CYS B 356 -27.96 -15.82 -12.77
N THR B 357 -27.14 -16.27 -11.81
CA THR B 357 -27.36 -17.48 -10.99
C THR B 357 -28.15 -17.09 -9.74
N ARG B 358 -29.42 -17.45 -9.70
CA ARG B 358 -30.33 -17.27 -8.54
C ARG B 358 -30.52 -18.59 -7.80
N ARG B 359 -31.03 -18.49 -6.58
CA ARG B 359 -31.25 -19.64 -5.70
C ARG B 359 -32.68 -19.62 -5.18
N GLU B 360 -33.16 -20.76 -4.69
CA GLU B 360 -34.45 -20.85 -3.99
C GLU B 360 -34.26 -20.23 -2.60
N VAL B 361 -33.16 -20.57 -1.94
CA VAL B 361 -32.83 -20.11 -0.57
C VAL B 361 -31.39 -19.62 -0.55
N TYR B 362 -31.19 -18.36 -0.12
CA TYR B 362 -29.83 -17.74 -0.09
C TYR B 362 -29.19 -18.07 1.27
N GLY B 363 -27.88 -17.85 1.42
CA GLY B 363 -27.16 -18.17 2.66
C GLY B 363 -26.33 -19.44 2.55
N GLY B 364 -26.54 -20.39 3.47
CA GLY B 364 -25.61 -21.51 3.74
C GLY B 364 -24.16 -21.10 3.49
N VAL B 365 -23.43 -21.85 2.64
CA VAL B 365 -22.08 -21.49 2.11
C VAL B 365 -21.92 -22.18 0.75
N GLU B 368 -16.65 -20.99 0.37
CA GLU B 368 -15.36 -20.35 0.79
C GLU B 368 -14.98 -19.24 -0.20
N GLY B 369 -14.69 -18.05 0.34
CA GLY B 369 -14.45 -16.84 -0.46
C GLY B 369 -15.61 -16.55 -1.41
N GLN B 370 -16.84 -16.83 -0.97
CA GLN B 370 -18.09 -16.59 -1.77
C GLN B 370 -19.08 -15.78 -0.93
N PHE B 371 -19.75 -14.82 -1.59
CA PHE B 371 -20.80 -13.93 -1.06
C PHE B 371 -22.10 -14.72 -1.17
N GLY B 372 -23.20 -14.25 -0.56
CA GLY B 372 -24.33 -15.14 -0.28
C GLY B 372 -25.57 -14.88 -1.10
N GLY B 373 -25.46 -14.07 -2.14
CA GLY B 373 -26.62 -13.66 -2.96
C GLY B 373 -26.53 -14.22 -4.39
N VAL B 374 -27.12 -13.48 -5.32
CA VAL B 374 -27.06 -13.71 -6.80
C VAL B 374 -25.61 -13.65 -7.28
N VAL B 375 -25.23 -14.61 -8.13
CA VAL B 375 -23.92 -14.62 -8.81
C VAL B 375 -24.17 -14.09 -10.21
N LEU B 376 -23.66 -12.91 -10.56
CA LEU B 376 -23.88 -12.32 -11.89
C LEU B 376 -23.29 -13.25 -12.97
N CYS B 377 -23.90 -13.26 -14.13
CA CYS B 377 -23.37 -13.83 -15.39
C CYS B 377 -22.34 -12.86 -15.93
N LYS B 378 -21.49 -13.35 -16.84
CA LYS B 378 -20.35 -12.59 -17.41
C LYS B 378 -20.87 -11.25 -17.96
N ASP B 379 -21.98 -11.25 -18.72
CA ASP B 379 -22.52 -10.03 -19.36
C ASP B 379 -23.02 -9.04 -18.30
N SER B 380 -23.74 -9.52 -17.31
CA SER B 380 -24.20 -8.67 -16.19
C SER B 380 -22.99 -8.09 -15.45
N GLN B 381 -21.96 -8.87 -15.19
CA GLN B 381 -20.77 -8.39 -14.48
C GLN B 381 -20.11 -7.26 -15.29
N GLU B 382 -20.16 -7.34 -16.62
CA GLU B 382 -19.46 -6.36 -17.50
C GLU B 382 -20.21 -5.05 -17.40
N GLU B 383 -21.54 -5.09 -17.43
CA GLU B 383 -22.42 -3.93 -17.28
C GLU B 383 -22.10 -3.23 -15.95
N TRP B 384 -21.92 -3.97 -14.83
CA TRP B 384 -21.68 -3.40 -13.48
C TRP B 384 -20.31 -2.73 -13.46
N ARG B 385 -19.32 -3.41 -14.01
CA ARG B 385 -17.95 -2.90 -13.99
C ARG B 385 -17.86 -1.62 -14.82
N HIS B 386 -18.51 -1.59 -15.98
CA HIS B 386 -18.50 -0.42 -16.87
C HIS B 386 -19.13 0.76 -16.11
N TYR B 387 -20.27 0.54 -15.44
CA TYR B 387 -21.04 1.57 -14.71
C TYR B 387 -20.15 2.15 -13.61
N VAL B 388 -19.51 1.30 -12.82
CA VAL B 388 -18.70 1.79 -11.68
C VAL B 388 -17.50 2.55 -12.28
N ARG B 389 -16.88 2.04 -13.35
CA ARG B 389 -15.68 2.68 -13.97
C ARG B 389 -16.04 3.99 -14.67
N SER B 390 -17.31 4.24 -14.99
CA SER B 390 -17.76 5.50 -15.63
C SER B 390 -18.20 6.53 -14.58
N SER B 391 -17.79 6.41 -13.30
CA SER B 391 -18.38 7.21 -12.19
C SER B 391 -18.07 8.71 -12.41
N GLU B 392 -16.82 9.03 -12.77
CA GLU B 392 -16.37 10.45 -12.96
C GLU B 392 -17.42 11.26 -13.72
N SER B 393 -17.79 10.85 -14.93
CA SER B 393 -18.69 11.61 -15.82
C SER B 393 -20.07 11.71 -15.20
N ARG B 394 -20.59 10.60 -14.69
CA ARG B 394 -21.95 10.57 -14.13
C ARG B 394 -21.93 11.56 -12.95
N HIS B 395 -20.89 11.49 -12.12
CA HIS B 395 -20.81 12.24 -10.81
C HIS B 395 -20.59 13.75 -11.04
N LEU B 396 -19.60 14.12 -11.84
CA LEU B 396 -19.34 15.53 -12.29
C LEU B 396 -20.63 16.15 -12.84
N ASP B 397 -21.49 15.37 -13.48
CA ASP B 397 -22.79 15.85 -13.97
C ASP B 397 -23.78 15.98 -12.80
N TRP B 398 -23.95 14.92 -12.01
CA TRP B 398 -24.98 14.91 -10.95
C TRP B 398 -24.63 15.98 -9.90
N LEU B 399 -23.35 16.19 -9.61
CA LEU B 399 -22.87 17.05 -8.49
C LEU B 399 -22.79 18.54 -8.88
N GLY B 400 -23.04 18.89 -10.16
CA GLY B 400 -22.99 20.28 -10.65
C GLY B 400 -21.58 20.87 -10.68
N PHE B 401 -20.59 20.10 -11.12
CA PHE B 401 -19.21 20.56 -11.41
C PHE B 401 -19.09 21.12 -12.85
N LEU B 402 -20.17 21.10 -13.65
CA LEU B 402 -20.14 21.47 -15.09
C LEU B 402 -21.49 22.06 -15.54
N LEU C 35 32.62 -17.19 3.03
CA LEU C 35 31.99 -16.40 1.90
C LEU C 35 32.62 -15.01 1.83
N HIS C 36 33.35 -14.70 0.74
CA HIS C 36 33.86 -13.32 0.46
C HIS C 36 33.71 -12.95 -1.05
N TYR C 37 34.08 -11.71 -1.31
CA TYR C 37 33.79 -10.96 -2.54
C TYR C 37 34.57 -9.67 -2.41
N PRO C 38 34.78 -8.94 -3.52
CA PRO C 38 35.55 -7.71 -3.44
C PRO C 38 34.90 -6.63 -2.55
N LYS C 39 35.75 -5.75 -2.00
CA LYS C 39 35.37 -4.60 -1.15
C LYS C 39 34.47 -3.65 -1.96
N GLU C 40 34.62 -3.56 -3.29
CA GLU C 40 33.80 -2.74 -4.21
C GLU C 40 32.29 -2.99 -4.00
N ILE C 41 31.87 -4.24 -3.81
CA ILE C 41 30.43 -4.61 -3.76
C ILE C 41 29.96 -4.91 -2.33
N GLU C 42 30.78 -4.70 -1.30
CA GLU C 42 30.52 -5.26 0.06
C GLU C 42 29.27 -4.57 0.65
N ASN C 43 28.94 -3.37 0.16
CA ASN C 43 27.81 -2.54 0.67
C ASN C 43 26.62 -2.58 -0.29
N ASP C 44 26.63 -3.42 -1.33
CA ASP C 44 25.53 -3.49 -2.31
C ASP C 44 24.31 -4.16 -1.67
N LEU C 45 23.14 -3.97 -2.30
CA LEU C 45 21.81 -4.52 -1.91
C LEU C 45 21.51 -4.31 -0.40
N MET C 46 22.01 -3.25 0.23
CA MET C 46 21.68 -2.86 1.63
C MET C 46 20.37 -2.05 1.62
N ASN C 47 19.59 -2.16 2.69
CA ASN C 47 18.27 -1.50 2.85
C ASN C 47 17.42 -1.64 1.57
N CYS C 48 17.42 -2.81 0.92
CA CYS C 48 16.73 -3.06 -0.39
C CYS C 48 15.68 -4.16 -0.25
N GLY C 49 15.35 -4.57 0.98
CA GLY C 49 14.41 -5.70 1.23
C GLY C 49 15.07 -7.07 1.41
N LEU C 50 16.38 -7.12 1.68
CA LEU C 50 17.09 -8.39 2.03
C LEU C 50 17.75 -8.22 3.41
N THR C 51 17.68 -9.27 4.25
CA THR C 51 18.48 -9.38 5.50
C THR C 51 19.98 -9.32 5.18
N GLU C 52 20.82 -8.98 6.16
CA GLU C 52 22.29 -8.99 6.00
C GLU C 52 22.72 -10.41 5.61
N LYS C 53 22.06 -11.44 6.16
CA LYS C 53 22.34 -12.88 5.87
C LYS C 53 22.09 -13.16 4.38
N GLU C 54 20.90 -12.83 3.88
CA GLU C 54 20.51 -13.06 2.46
C GLU C 54 21.47 -12.33 1.51
N ARG C 55 21.73 -11.04 1.78
CA ARG C 55 22.39 -10.16 0.80
C ARG C 55 23.85 -10.61 0.67
N VAL C 56 24.48 -11.11 1.75
CA VAL C 56 25.90 -11.57 1.71
C VAL C 56 25.95 -12.87 0.91
N GLU C 57 24.98 -13.77 1.10
CA GLU C 57 24.94 -15.02 0.32
C GLU C 57 24.80 -14.70 -1.17
N ILE C 58 23.97 -13.68 -1.52
CA ILE C 58 23.71 -13.26 -2.93
C ILE C 58 25.00 -12.72 -3.56
N LEU C 59 25.64 -11.77 -2.92
CA LEU C 59 26.88 -11.17 -3.43
C LEU C 59 27.95 -12.30 -3.59
N ALA C 60 28.05 -13.22 -2.63
CA ALA C 60 29.05 -14.31 -2.66
C ALA C 60 28.74 -15.23 -3.82
N THR C 61 27.47 -15.51 -4.08
CA THR C 61 27.08 -16.43 -5.16
C THR C 61 27.36 -15.77 -6.53
N ALA C 62 27.09 -14.48 -6.65
CA ALA C 62 27.24 -13.76 -7.93
C ALA C 62 28.73 -13.66 -8.24
N TRP C 63 29.54 -13.35 -7.23
CA TRP C 63 31.02 -13.26 -7.33
C TRP C 63 31.57 -14.60 -7.82
N GLU C 64 31.08 -15.71 -7.28
CA GLU C 64 31.63 -17.04 -7.59
C GLU C 64 31.21 -17.43 -9.01
N TYR C 65 29.97 -17.13 -9.39
CA TYR C 65 29.50 -17.43 -10.77
C TYR C 65 30.41 -16.73 -11.77
N VAL C 66 30.75 -15.47 -11.53
CA VAL C 66 31.49 -14.67 -12.54
C VAL C 66 32.95 -15.18 -12.52
N ARG C 67 33.49 -15.54 -11.36
CA ARG C 67 34.89 -16.03 -11.23
C ARG C 67 35.00 -17.37 -11.97
N CYS C 68 34.04 -18.30 -11.88
CA CYS C 68 34.10 -19.58 -12.60
C CYS C 68 33.82 -19.42 -14.08
N GLY C 69 32.91 -18.53 -14.50
CA GLY C 69 32.55 -18.47 -15.92
C GLY C 69 33.45 -17.53 -16.70
N VAL C 70 34.04 -16.57 -16.01
CA VAL C 70 34.90 -15.50 -16.61
C VAL C 70 36.17 -15.39 -15.78
N PRO C 71 37.00 -16.45 -15.75
CA PRO C 71 38.26 -16.43 -14.99
C PRO C 71 39.23 -15.37 -15.54
N GLU C 72 39.31 -15.19 -16.84
CA GLU C 72 40.29 -14.30 -17.53
C GLU C 72 39.56 -13.03 -17.98
N PHE C 73 40.03 -11.87 -17.51
CA PHE C 73 39.46 -10.53 -17.81
C PHE C 73 40.59 -9.48 -17.80
N THR C 74 40.35 -8.28 -18.35
CA THR C 74 41.31 -7.14 -18.32
C THR C 74 40.70 -5.89 -17.69
N ASN C 75 39.38 -5.72 -17.71
CA ASN C 75 38.71 -4.44 -17.36
C ASN C 75 37.92 -4.63 -16.07
N TRP C 76 38.49 -4.20 -14.96
CA TRP C 76 37.88 -4.41 -13.63
C TRP C 76 36.54 -3.64 -13.51
N GLU C 77 36.41 -2.45 -14.09
CA GLU C 77 35.15 -1.66 -14.07
C GLU C 77 34.03 -2.47 -14.74
N LYS C 78 34.29 -3.05 -15.91
CA LYS C 78 33.28 -3.89 -16.60
C LYS C 78 33.01 -5.16 -15.80
N TYR C 79 34.06 -5.78 -15.24
CA TYR C 79 33.91 -7.05 -14.49
C TYR C 79 32.97 -6.80 -13.31
N ILE C 80 33.20 -5.74 -12.55
CA ILE C 80 32.35 -5.45 -11.37
C ILE C 80 30.92 -5.11 -11.83
N ALA C 81 30.72 -4.39 -12.94
CA ALA C 81 29.37 -4.13 -13.48
C ALA C 81 28.70 -5.46 -13.78
N PHE C 82 29.47 -6.41 -14.32
CA PHE C 82 28.95 -7.74 -14.65
C PHE C 82 28.61 -8.52 -13.38
N VAL C 83 29.36 -8.32 -12.31
CA VAL C 83 29.08 -9.03 -11.03
C VAL C 83 27.75 -8.43 -10.50
N ARG C 84 27.62 -7.11 -10.51
CA ARG C 84 26.40 -6.44 -9.99
C ARG C 84 25.19 -6.98 -10.79
N LEU C 85 25.29 -7.01 -12.13
CA LEU C 85 24.19 -7.56 -12.98
C LEU C 85 23.90 -8.98 -12.56
N THR C 86 24.94 -9.75 -12.23
CA THR C 86 24.75 -11.18 -11.89
C THR C 86 24.12 -11.28 -10.48
N ALA C 87 24.45 -10.38 -9.58
CA ALA C 87 23.82 -10.32 -8.24
C ALA C 87 22.30 -10.03 -8.41
N LEU C 88 21.91 -9.09 -9.28
CA LEU C 88 20.47 -8.82 -9.56
C LEU C 88 19.85 -10.07 -10.18
N THR C 89 20.53 -10.74 -11.09
CA THR C 89 20.01 -12.00 -11.68
C THR C 89 19.79 -13.01 -10.53
N THR C 90 20.63 -12.97 -9.51
CA THR C 90 20.52 -13.91 -8.36
C THR C 90 19.27 -13.50 -7.55
N VAL C 91 19.19 -12.24 -7.15
CA VAL C 91 18.00 -11.71 -6.43
C VAL C 91 16.73 -12.08 -7.20
N ALA C 92 16.75 -12.07 -8.53
CA ALA C 92 15.58 -12.36 -9.39
C ALA C 92 15.18 -13.83 -9.31
N GLU C 93 16.11 -14.78 -9.30
CA GLU C 93 15.74 -16.22 -9.41
C GLU C 93 15.17 -16.68 -8.06
N TYR C 94 15.57 -16.04 -6.97
CA TYR C 94 15.18 -16.29 -5.55
C TYR C 94 13.88 -15.50 -5.28
N ARG C 95 13.99 -14.21 -4.90
CA ARG C 95 12.83 -13.31 -4.64
C ARG C 95 12.53 -12.38 -5.83
N GLY C 96 11.96 -12.92 -6.90
CA GLY C 96 11.51 -12.21 -8.11
C GLY C 96 10.66 -10.97 -7.82
N LYS C 97 9.90 -10.98 -6.72
CA LYS C 97 8.93 -9.92 -6.37
C LYS C 97 9.68 -8.63 -6.05
N LEU C 98 10.97 -8.70 -5.70
CA LEU C 98 11.74 -7.50 -5.29
C LEU C 98 12.20 -6.73 -6.55
N VAL C 99 12.06 -7.31 -7.74
CA VAL C 99 12.76 -6.79 -8.96
C VAL C 99 11.75 -6.24 -9.97
N ASP C 100 11.75 -4.92 -10.15
CA ASP C 100 10.91 -4.21 -11.17
C ASP C 100 11.50 -4.52 -12.55
N ILE C 101 11.01 -5.58 -13.20
CA ILE C 101 11.47 -6.03 -14.54
C ILE C 101 11.32 -4.89 -15.54
N ASP C 102 10.24 -4.09 -15.43
CA ASP C 102 9.85 -3.09 -16.45
C ASP C 102 10.79 -1.89 -16.35
N ARG C 103 11.66 -1.82 -15.35
CA ARG C 103 12.63 -0.70 -15.27
C ARG C 103 14.07 -1.15 -15.53
N LEU C 104 14.30 -2.42 -15.90
CA LEU C 104 15.68 -2.95 -16.11
C LEU C 104 16.34 -2.19 -17.25
N LEU C 105 15.63 -1.91 -18.36
CA LEU C 105 16.23 -1.31 -19.58
C LEU C 105 15.97 0.19 -19.70
N THR C 106 15.44 0.85 -18.68
CA THR C 106 15.12 2.30 -18.69
C THR C 106 16.32 3.13 -18.22
N PRO C 107 16.91 3.99 -19.06
CA PRO C 107 17.96 4.88 -18.58
C PRO C 107 17.49 5.71 -17.39
N GLY C 108 18.37 5.90 -16.42
CA GLY C 108 18.16 6.73 -15.23
C GLY C 108 17.48 5.95 -14.12
N GLU C 109 16.94 4.76 -14.37
CA GLU C 109 16.22 4.05 -13.28
C GLU C 109 17.19 3.19 -12.41
N TYR C 110 16.96 3.16 -11.11
CA TYR C 110 17.67 2.29 -10.15
C TYR C 110 16.70 1.19 -9.73
N VAL C 111 17.14 -0.06 -9.84
CA VAL C 111 16.49 -1.27 -9.30
C VAL C 111 17.40 -1.81 -8.18
N LEU C 112 16.86 -1.90 -6.97
CA LEU C 112 17.60 -2.35 -5.75
C LEU C 112 18.96 -1.65 -5.69
N GLY C 113 18.95 -0.32 -5.85
CA GLY C 113 20.12 0.56 -5.75
C GLY C 113 21.07 0.41 -6.92
N TYR C 114 20.76 -0.40 -7.94
CA TYR C 114 21.65 -0.57 -9.13
C TYR C 114 21.10 0.14 -10.38
N PRO C 115 21.92 0.94 -11.10
CA PRO C 115 21.50 1.57 -12.34
C PRO C 115 21.66 0.59 -13.49
N VAL C 116 20.70 -0.31 -13.63
CA VAL C 116 20.86 -1.55 -14.43
C VAL C 116 21.17 -1.21 -15.88
N ARG C 117 20.50 -0.22 -16.45
CA ARG C 117 20.70 0.12 -17.88
C ARG C 117 22.13 0.63 -18.05
N GLU C 118 22.59 1.46 -17.13
CA GLU C 118 23.95 2.03 -17.12
C GLU C 118 25.00 0.88 -16.99
N LEU C 119 24.72 -0.13 -16.16
CA LEU C 119 25.59 -1.33 -15.98
C LEU C 119 25.62 -2.08 -17.32
N LEU C 120 24.47 -2.28 -17.97
CA LEU C 120 24.41 -3.00 -19.29
C LEU C 120 25.13 -2.20 -20.38
N ASP C 121 25.11 -0.87 -20.29
CA ASP C 121 25.78 0.01 -21.27
C ASP C 121 27.29 -0.05 -21.02
N THR C 122 27.73 0.09 -19.79
CA THR C 122 29.16 -0.10 -19.44
C THR C 122 29.70 -1.38 -20.10
N LEU C 123 28.93 -2.45 -20.00
CA LEU C 123 29.43 -3.79 -20.42
C LEU C 123 29.32 -3.88 -21.94
N PHE C 124 28.24 -3.41 -22.56
CA PHE C 124 27.95 -3.78 -23.96
C PHE C 124 27.79 -2.60 -24.94
N ALA C 125 27.71 -1.35 -24.50
CA ALA C 125 27.53 -0.23 -25.46
C ALA C 125 28.75 -0.21 -26.37
N GLY C 126 28.56 -0.03 -27.68
CA GLY C 126 29.69 0.08 -28.62
C GLY C 126 30.07 -1.29 -29.18
N THR C 127 29.44 -2.37 -28.71
CA THR C 127 29.67 -3.73 -29.24
C THR C 127 28.64 -4.00 -30.32
N SER C 128 28.93 -4.96 -31.18
CA SER C 128 28.03 -5.49 -32.23
C SER C 128 26.83 -6.25 -31.63
N VAL C 129 26.77 -6.52 -30.32
CA VAL C 129 25.70 -7.40 -29.74
C VAL C 129 24.87 -6.59 -28.74
N TYR C 130 25.01 -5.28 -28.75
CA TYR C 130 24.43 -4.41 -27.70
C TYR C 130 22.94 -4.70 -27.49
N GLU C 131 22.17 -4.58 -28.56
CA GLU C 131 20.67 -4.61 -28.50
C GLU C 131 20.27 -6.05 -28.14
N ALA C 132 20.94 -7.02 -28.74
CA ALA C 132 20.62 -8.44 -28.51
C ALA C 132 20.87 -8.76 -27.03
N MET C 133 21.91 -8.19 -26.42
CA MET C 133 22.27 -8.55 -25.02
C MET C 133 21.35 -7.79 -24.04
N LEU C 134 20.89 -6.57 -24.36
CA LEU C 134 19.88 -5.92 -23.48
C LEU C 134 18.63 -6.82 -23.42
N GLN C 135 18.19 -7.30 -24.56
CA GLN C 135 17.02 -8.19 -24.65
C GLN C 135 17.31 -9.54 -23.96
N GLU C 136 18.53 -10.08 -24.10
CA GLU C 136 18.87 -11.39 -23.50
C GLU C 136 18.77 -11.27 -21.99
N TYR C 137 19.30 -10.20 -21.41
CA TYR C 137 19.30 -9.99 -19.95
C TYR C 137 17.87 -9.80 -19.43
N ALA C 138 17.14 -8.83 -20.01
CA ALA C 138 15.78 -8.51 -19.55
C ALA C 138 14.89 -9.75 -19.71
N SER C 139 14.94 -10.42 -20.85
CA SER C 139 14.18 -11.67 -21.12
C SER C 139 14.51 -12.76 -20.09
N CYS C 140 15.77 -12.91 -19.71
CA CYS C 140 16.14 -13.93 -18.72
C CYS C 140 15.47 -13.59 -17.38
N LEU C 141 15.68 -12.39 -16.87
CA LEU C 141 15.20 -11.98 -15.54
C LEU C 141 13.66 -11.99 -15.51
N LEU C 142 13.02 -11.71 -16.65
CA LEU C 142 11.53 -11.65 -16.77
C LEU C 142 10.97 -13.02 -16.39
N PHE C 143 11.46 -14.08 -17.03
CA PHE C 143 10.94 -15.47 -16.87
C PHE C 143 11.46 -16.14 -15.60
N MET C 144 12.42 -15.53 -14.90
CA MET C 144 12.84 -15.98 -13.56
C MET C 144 11.85 -15.39 -12.55
N ALA C 145 11.52 -14.11 -12.69
CA ALA C 145 10.50 -13.44 -11.86
C ALA C 145 9.15 -14.18 -12.02
N GLU C 146 8.78 -14.53 -13.25
CA GLU C 146 7.50 -15.23 -13.61
C GLU C 146 7.49 -16.65 -13.05
N LYS C 147 8.63 -17.36 -13.00
CA LYS C 147 8.68 -18.80 -12.60
C LYS C 147 8.51 -18.95 -11.08
N THR C 148 8.74 -17.89 -10.30
CA THR C 148 8.59 -17.86 -8.82
C THR C 148 7.18 -17.41 -8.43
N ARG C 149 6.37 -16.96 -9.39
CA ARG C 149 5.04 -16.33 -9.17
C ARG C 149 4.16 -17.22 -8.27
N ASP C 150 3.24 -16.60 -7.52
CA ASP C 150 2.12 -17.26 -6.80
C ASP C 150 1.29 -18.09 -7.79
N HIS C 151 0.51 -17.43 -8.64
CA HIS C 151 -0.34 -18.11 -9.67
C HIS C 151 0.43 -18.15 -11.00
N GLN C 152 0.52 -19.33 -11.62
CA GLN C 152 1.00 -19.52 -13.02
C GLN C 152 0.41 -18.43 -13.94
N SER C 153 1.25 -17.51 -14.41
CA SER C 153 0.91 -16.50 -15.45
C SER C 153 0.60 -17.19 -16.79
N ASP C 154 -0.06 -16.46 -17.69
CA ASP C 154 -0.22 -16.83 -19.11
C ASP C 154 1.14 -16.82 -19.83
N LEU C 155 2.00 -15.85 -19.49
CA LEU C 155 3.38 -15.79 -20.05
C LEU C 155 4.09 -17.08 -19.66
N CYS C 156 4.02 -17.44 -18.37
CA CYS C 156 4.68 -18.64 -17.79
C CYS C 156 4.26 -19.89 -18.56
N LYS C 157 2.95 -20.02 -18.77
CA LYS C 157 2.34 -21.21 -19.42
C LYS C 157 2.90 -21.32 -20.83
N LYS C 158 2.99 -20.18 -21.50
CA LYS C 158 3.32 -20.11 -22.94
C LYS C 158 4.82 -20.44 -23.08
N TYR C 159 5.64 -20.07 -22.09
CA TYR C 159 7.10 -20.39 -22.05
C TYR C 159 7.26 -21.89 -21.87
N ILE C 160 6.57 -22.43 -20.85
CA ILE C 160 6.62 -23.89 -20.51
C ILE C 160 6.31 -24.73 -21.74
N GLU C 161 5.36 -24.31 -22.57
CA GLU C 161 4.93 -25.06 -23.77
C GLU C 161 5.86 -24.76 -24.95
N ALA C 162 6.40 -23.54 -25.02
CA ALA C 162 7.36 -23.14 -26.07
C ALA C 162 8.62 -24.02 -25.98
N ILE C 163 9.19 -24.20 -24.78
CA ILE C 163 10.51 -24.88 -24.62
C ILE C 163 10.38 -26.36 -24.97
N ALA C 164 9.14 -26.89 -25.01
CA ALA C 164 8.82 -28.32 -25.21
C ALA C 164 8.47 -28.59 -26.68
N SER C 165 8.41 -27.56 -27.51
CA SER C 165 7.87 -27.62 -28.89
C SER C 165 8.91 -28.18 -29.84
N SER C 166 10.20 -28.04 -29.54
CA SER C 166 11.27 -28.69 -30.36
C SER C 166 12.64 -28.57 -29.68
N PRO C 167 13.64 -29.32 -30.18
CA PRO C 167 14.98 -29.36 -29.56
C PRO C 167 15.68 -28.00 -29.63
N SER C 168 15.84 -27.49 -30.85
CA SER C 168 16.49 -26.19 -31.17
C SER C 168 15.80 -25.04 -30.42
N ARG C 169 14.49 -25.15 -30.14
CA ARG C 169 13.77 -24.12 -29.36
C ARG C 169 14.10 -24.30 -27.88
N TYR C 170 14.19 -25.53 -27.38
CA TYR C 170 14.61 -25.76 -25.96
C TYR C 170 15.99 -25.08 -25.73
N TYR C 171 16.95 -25.37 -26.61
CA TYR C 171 18.37 -24.91 -26.49
C TYR C 171 18.41 -23.39 -26.50
N ARG C 172 17.76 -22.74 -27.47
CA ARG C 172 17.75 -21.26 -27.59
C ARG C 172 17.15 -20.63 -26.34
N LEU C 173 16.02 -21.13 -25.84
CA LEU C 173 15.37 -20.47 -24.68
C LEU C 173 16.15 -20.78 -23.40
N ARG C 174 16.69 -21.99 -23.29
CA ARG C 174 17.54 -22.38 -22.13
C ARG C 174 18.81 -21.54 -22.10
N ASP C 175 19.38 -21.25 -23.26
CA ASP C 175 20.55 -20.36 -23.44
C ASP C 175 20.29 -19.07 -22.68
N CYS C 176 19.20 -18.39 -23.04
CA CYS C 176 18.81 -17.14 -22.37
C CYS C 176 18.69 -17.39 -20.89
N ASP C 177 17.94 -18.42 -20.51
CA ASP C 177 17.63 -18.76 -19.08
C ASP C 177 18.91 -19.03 -18.25
N ALA C 178 19.88 -19.75 -18.81
CA ALA C 178 21.19 -20.06 -18.19
C ALA C 178 22.21 -18.97 -18.53
N GLN C 179 21.88 -18.01 -19.38
CA GLN C 179 22.74 -16.85 -19.73
C GLN C 179 24.06 -17.32 -20.40
N VAL C 180 23.99 -18.31 -21.28
CA VAL C 180 25.20 -18.85 -21.95
C VAL C 180 25.80 -17.83 -22.94
N ARG C 181 25.11 -17.45 -24.01
CA ARG C 181 25.63 -16.40 -24.91
C ARG C 181 25.83 -15.07 -24.16
N LEU C 182 25.02 -14.75 -23.17
CA LEU C 182 25.26 -13.51 -22.43
C LEU C 182 26.65 -13.59 -21.74
N PHE C 183 27.00 -14.72 -21.10
CA PHE C 183 28.27 -14.82 -20.31
C PHE C 183 29.45 -14.82 -21.27
N ILE C 184 29.30 -15.44 -22.43
CA ILE C 184 30.35 -15.48 -23.48
C ILE C 184 30.57 -14.06 -24.00
N ALA C 185 29.52 -13.31 -24.33
CA ALA C 185 29.67 -11.92 -24.85
C ALA C 185 30.23 -11.03 -23.75
N ALA C 186 29.77 -11.20 -22.51
CA ALA C 186 30.26 -10.43 -21.35
C ALA C 186 31.75 -10.68 -21.11
N ALA C 187 32.19 -11.94 -21.25
CA ALA C 187 33.59 -12.36 -21.04
C ALA C 187 34.45 -11.63 -22.06
N VAL C 188 34.00 -11.62 -23.32
CA VAL C 188 34.79 -10.96 -24.37
C VAL C 188 34.88 -9.46 -24.08
N ALA C 189 33.78 -8.86 -23.66
CA ALA C 189 33.68 -7.41 -23.38
C ALA C 189 34.55 -7.05 -22.17
N CYS C 190 34.60 -7.92 -21.15
CA CYS C 190 35.47 -7.70 -19.98
C CYS C 190 36.95 -7.91 -20.36
N ASN C 191 37.23 -8.35 -21.59
CA ASN C 191 38.60 -8.37 -22.16
C ASN C 191 38.79 -7.20 -23.15
N ASP C 192 37.91 -6.17 -23.08
CA ASP C 192 37.90 -4.96 -23.96
C ASP C 192 37.93 -5.34 -25.45
N LEU C 193 37.21 -6.39 -25.84
CA LEU C 193 37.10 -6.78 -27.26
C LEU C 193 35.61 -6.77 -27.64
N ASP C 194 35.35 -6.78 -28.94
CA ASP C 194 33.98 -6.72 -29.47
C ASP C 194 33.62 -8.15 -29.84
N PRO C 195 32.61 -8.81 -29.24
CA PRO C 195 32.31 -10.20 -29.60
C PRO C 195 32.06 -10.32 -31.10
N ASP C 196 32.63 -11.30 -31.79
CA ASP C 196 32.41 -11.45 -33.25
C ASP C 196 32.06 -12.90 -33.57
N PHE C 197 31.49 -13.63 -32.61
CA PHE C 197 30.83 -14.93 -32.85
C PHE C 197 29.57 -14.74 -33.70
N THR C 198 29.37 -15.64 -34.65
CA THR C 198 28.17 -15.70 -35.53
C THR C 198 27.03 -16.36 -34.78
N GLU C 199 25.80 -16.14 -35.26
CA GLU C 199 24.58 -16.73 -34.68
C GLU C 199 24.74 -18.25 -34.61
N MET C 200 25.28 -18.88 -35.65
CA MET C 200 25.49 -20.35 -35.66
C MET C 200 26.51 -20.74 -34.57
N GLU C 201 27.60 -19.98 -34.40
CA GLU C 201 28.61 -20.27 -33.33
C GLU C 201 27.92 -20.14 -31.97
N TYR C 202 27.09 -19.11 -31.71
CA TYR C 202 26.36 -19.05 -30.41
C TYR C 202 25.50 -20.29 -30.26
N GLN C 203 24.89 -20.74 -31.36
CA GLN C 203 23.94 -21.87 -31.28
C GLN C 203 24.70 -23.16 -30.94
N ALA C 204 25.76 -23.47 -31.69
CA ALA C 204 26.70 -24.58 -31.39
C ALA C 204 27.14 -24.55 -29.91
N MET C 205 27.52 -23.37 -29.41
CA MET C 205 28.15 -23.25 -28.07
C MET C 205 27.11 -23.54 -27.01
N ALA C 206 25.90 -22.98 -27.12
CA ALA C 206 24.82 -23.26 -26.15
C ALA C 206 24.44 -24.74 -26.18
N GLU C 207 24.37 -25.37 -27.35
CA GLU C 207 24.01 -26.80 -27.43
C GLU C 207 25.05 -27.60 -26.62
N ILE C 208 26.35 -27.31 -26.80
CA ILE C 208 27.44 -27.99 -26.04
C ILE C 208 27.23 -27.72 -24.55
N GLY C 209 27.16 -26.46 -24.14
CA GLY C 209 27.12 -26.10 -22.71
C GLY C 209 25.94 -26.73 -21.99
N ILE C 210 24.75 -26.62 -22.60
CA ILE C 210 23.45 -27.01 -21.99
C ILE C 210 23.41 -28.54 -21.94
N THR C 211 23.84 -29.22 -22.99
CA THR C 211 23.95 -30.71 -22.97
C THR C 211 24.77 -31.16 -21.74
N LEU C 212 25.88 -30.45 -21.40
CA LEU C 212 26.76 -30.81 -20.25
C LEU C 212 26.08 -30.38 -18.94
N TYR C 213 25.68 -29.11 -18.83
CA TYR C 213 25.16 -28.58 -17.56
C TYR C 213 23.90 -29.36 -17.16
N ASP C 214 23.00 -29.66 -18.10
CA ASP C 214 21.66 -30.22 -17.76
C ASP C 214 21.88 -31.68 -17.29
N ALA C 215 22.79 -32.39 -17.95
CA ALA C 215 23.29 -33.73 -17.53
C ALA C 215 23.72 -33.76 -16.05
N VAL C 216 24.43 -32.75 -15.57
CA VAL C 216 24.99 -32.81 -14.19
C VAL C 216 23.96 -32.29 -13.20
N ALA C 217 23.07 -31.37 -13.60
CA ALA C 217 22.06 -30.81 -12.67
C ALA C 217 20.82 -31.74 -12.61
N PHE C 218 20.82 -32.79 -13.43
CA PHE C 218 19.74 -33.78 -13.65
C PHE C 218 18.95 -34.09 -12.37
N TYR C 219 19.58 -34.69 -11.34
CA TYR C 219 18.90 -35.18 -10.11
C TYR C 219 18.42 -34.01 -9.26
N LYS C 220 19.17 -32.90 -9.25
CA LYS C 220 18.81 -31.67 -8.48
C LYS C 220 17.50 -31.11 -9.07
N HIS C 221 17.45 -31.02 -10.41
CA HIS C 221 16.33 -30.45 -11.20
C HIS C 221 15.13 -31.38 -11.07
N ARG C 222 15.32 -32.68 -11.32
CA ARG C 222 14.23 -33.70 -11.41
C ARG C 222 13.51 -33.83 -10.07
N ALA C 223 14.14 -33.45 -8.98
CA ALA C 223 13.55 -33.51 -7.62
C ALA C 223 12.89 -32.17 -7.28
N GLU C 224 13.14 -31.13 -8.08
CA GLU C 224 12.51 -29.80 -7.93
C GLU C 224 11.30 -29.70 -8.89
N ALA C 225 11.10 -30.71 -9.75
CA ALA C 225 10.13 -30.73 -10.87
C ALA C 225 10.35 -29.49 -11.74
N GLU C 226 11.61 -29.24 -12.08
CA GLU C 226 12.04 -28.19 -13.02
C GLU C 226 11.48 -28.55 -14.41
N VAL C 227 11.17 -27.53 -15.20
CA VAL C 227 10.73 -27.67 -16.62
C VAL C 227 11.95 -27.53 -17.54
N SER C 228 12.91 -26.68 -17.14
CA SER C 228 14.10 -26.30 -17.94
C SER C 228 15.25 -27.30 -17.67
N ASN C 229 15.18 -28.49 -18.28
CA ASN C 229 16.22 -29.54 -18.27
C ASN C 229 16.08 -30.36 -19.54
N LEU C 230 17.15 -30.56 -20.32
CA LEU C 230 17.07 -31.24 -21.63
C LEU C 230 16.52 -32.65 -21.47
N TYR C 231 16.69 -33.25 -20.29
CA TYR C 231 16.52 -34.70 -20.11
C TYR C 231 15.06 -34.98 -19.75
N ALA C 232 14.37 -34.01 -19.14
CA ALA C 232 12.88 -33.91 -19.09
C ALA C 232 12.23 -34.29 -20.44
N TYR C 233 12.83 -33.93 -21.57
CA TYR C 233 12.25 -34.07 -22.92
C TYR C 233 12.95 -35.23 -23.63
N CYS C 234 14.24 -35.40 -23.42
CA CYS C 234 15.00 -36.42 -24.19
C CYS C 234 14.74 -37.83 -23.63
N GLY C 235 14.45 -37.92 -22.34
CA GLY C 235 14.39 -39.22 -21.61
C GLY C 235 15.45 -39.30 -20.51
N GLN C 236 15.20 -40.18 -19.54
CA GLN C 236 15.96 -40.26 -18.26
C GLN C 236 16.90 -41.48 -18.21
N ASP C 237 17.13 -42.17 -19.32
CA ASP C 237 18.10 -43.29 -19.42
C ASP C 237 19.53 -42.72 -19.30
N LEU C 238 20.22 -43.06 -18.20
CA LEU C 238 21.68 -42.82 -17.98
C LEU C 238 22.44 -43.03 -19.29
N GLU C 239 22.19 -44.13 -19.99
CA GLU C 239 22.98 -44.52 -21.19
C GLU C 239 22.86 -43.48 -22.29
N PHE C 240 21.77 -42.70 -22.30
CA PHE C 240 21.57 -41.59 -23.27
C PHE C 240 22.46 -40.39 -22.87
N ARG C 241 22.39 -39.95 -21.62
CA ARG C 241 23.20 -38.86 -21.06
C ARG C 241 24.68 -39.10 -21.34
N GLN C 242 25.16 -40.30 -20.97
CA GLN C 242 26.60 -40.68 -21.05
C GLN C 242 27.05 -40.41 -22.47
N GLU C 243 26.26 -40.90 -23.42
CA GLU C 243 26.63 -40.82 -24.85
C GLU C 243 26.73 -39.36 -25.29
N VAL C 244 25.79 -38.51 -24.83
CA VAL C 244 25.66 -37.13 -25.39
C VAL C 244 26.61 -36.21 -24.61
N TYR C 245 26.73 -36.41 -23.30
CA TYR C 245 27.77 -35.75 -22.44
C TYR C 245 29.15 -35.97 -23.05
N GLN C 246 29.44 -37.19 -23.48
CA GLN C 246 30.78 -37.54 -23.99
C GLN C 246 30.99 -36.87 -25.35
N THR C 247 29.98 -36.89 -26.22
CA THR C 247 30.13 -36.22 -27.54
C THR C 247 30.32 -34.70 -27.36
N ALA C 248 29.60 -34.11 -26.42
CA ALA C 248 29.64 -32.64 -26.21
C ALA C 248 31.03 -32.24 -25.66
N ARG C 249 31.50 -32.93 -24.61
CA ARG C 249 32.85 -32.74 -24.04
C ARG C 249 33.94 -32.94 -25.11
N SER C 250 33.79 -33.92 -25.99
CA SER C 250 34.77 -34.21 -27.06
C SER C 250 34.73 -33.10 -28.12
N THR C 251 33.56 -32.57 -28.42
CA THR C 251 33.46 -31.40 -29.35
C THR C 251 34.11 -30.17 -28.68
N LEU C 252 33.82 -29.94 -27.40
CA LEU C 252 34.40 -28.81 -26.66
C LEU C 252 35.95 -28.92 -26.63
N TRP C 253 36.51 -30.12 -26.49
CA TRP C 253 37.98 -30.32 -26.54
C TRP C 253 38.49 -29.91 -27.91
N ALA C 254 37.81 -30.28 -28.99
CA ALA C 254 38.25 -29.93 -30.36
C ALA C 254 38.21 -28.42 -30.53
N LEU C 255 37.18 -27.79 -29.96
CA LEU C 255 36.98 -26.33 -30.08
C LEU C 255 38.09 -25.61 -29.29
N GLU C 256 38.35 -26.10 -28.07
CA GLU C 256 39.43 -25.62 -27.17
C GLU C 256 40.77 -25.72 -27.92
N THR C 257 40.99 -26.78 -28.67
CA THR C 257 42.28 -26.96 -29.41
C THR C 257 42.32 -25.95 -30.56
N MET C 258 41.18 -25.72 -31.20
CA MET C 258 41.13 -24.81 -32.36
C MET C 258 41.19 -23.34 -31.90
N TRP C 259 40.57 -22.96 -30.78
CA TRP C 259 40.36 -21.54 -30.40
C TRP C 259 41.30 -21.06 -29.27
N CYS C 260 42.18 -21.88 -28.68
CA CYS C 260 42.87 -21.50 -27.41
C CYS C 260 43.86 -20.34 -27.62
N LYS C 261 44.24 -19.99 -28.85
CA LYS C 261 45.27 -18.94 -29.08
C LYS C 261 44.69 -17.52 -29.09
N THR C 262 43.38 -17.33 -29.06
CA THR C 262 42.79 -15.97 -29.08
C THR C 262 42.06 -15.72 -27.78
N VAL C 263 42.09 -14.48 -27.34
CA VAL C 263 41.35 -14.05 -26.13
C VAL C 263 39.86 -14.37 -26.29
N GLN C 264 39.27 -14.14 -27.47
CA GLN C 264 37.81 -14.37 -27.68
C GLN C 264 37.55 -15.87 -27.59
N GLY C 265 38.44 -16.69 -28.17
CA GLY C 265 38.24 -18.17 -28.14
C GLY C 265 38.22 -18.67 -26.71
N ARG C 266 39.20 -18.23 -25.92
CA ARG C 266 39.35 -18.62 -24.50
C ARG C 266 38.15 -18.08 -23.69
N SER C 267 37.67 -16.87 -23.96
CA SER C 267 36.45 -16.34 -23.27
C SER C 267 35.32 -17.34 -23.43
N ALA C 268 35.12 -17.88 -24.63
CA ALA C 268 34.04 -18.85 -24.90
C ALA C 268 34.38 -20.20 -24.27
N ILE C 269 35.61 -20.69 -24.48
CA ILE C 269 36.04 -22.01 -23.90
C ILE C 269 35.78 -22.01 -22.41
N ASN C 270 36.20 -20.97 -21.71
CA ASN C 270 36.20 -20.92 -20.22
C ASN C 270 34.77 -21.00 -19.71
N LEU C 271 33.83 -20.36 -20.40
CA LEU C 271 32.45 -20.37 -19.89
C LEU C 271 31.87 -21.78 -20.05
N LEU C 272 31.90 -22.30 -21.26
CA LEU C 272 31.34 -23.64 -21.58
C LEU C 272 31.95 -24.72 -20.69
N LYS C 273 33.28 -24.73 -20.57
CA LYS C 273 34.02 -25.84 -19.90
C LYS C 273 33.62 -25.89 -18.43
N ASN C 274 33.47 -24.73 -17.79
CA ASN C 274 33.18 -24.60 -16.34
C ASN C 274 31.69 -24.73 -15.99
N LEU C 275 30.77 -24.74 -16.96
CA LEU C 275 29.32 -24.92 -16.67
C LEU C 275 29.11 -26.18 -15.83
N PRO C 276 29.52 -27.39 -16.30
CA PRO C 276 29.35 -28.60 -15.49
C PRO C 276 30.15 -28.55 -14.18
N LEU C 277 31.32 -27.92 -14.17
CA LEU C 277 32.33 -28.02 -13.07
C LEU C 277 31.88 -27.22 -11.87
N ILE C 278 30.98 -26.24 -12.02
CA ILE C 278 30.64 -25.36 -10.86
C ILE C 278 29.98 -26.19 -9.77
N HIS C 279 29.43 -27.34 -10.11
CA HIS C 279 28.88 -28.30 -9.10
C HIS C 279 29.98 -28.71 -8.10
N MET C 280 31.26 -28.74 -8.51
CA MET C 280 32.42 -29.04 -7.59
C MET C 280 33.05 -27.76 -7.03
N SER C 281 33.17 -26.68 -7.82
CA SER C 281 33.96 -25.48 -7.44
C SER C 281 33.15 -24.47 -6.63
N MET C 282 31.85 -24.33 -6.87
CA MET C 282 31.06 -23.25 -6.22
C MET C 282 30.46 -23.74 -4.89
N ARG C 283 30.53 -22.91 -3.86
CA ARG C 283 30.06 -23.26 -2.49
C ARG C 283 28.53 -23.27 -2.41
N ARG C 284 27.79 -22.76 -3.40
CA ARG C 284 26.30 -22.89 -3.39
C ARG C 284 25.89 -24.32 -3.74
N TYR C 285 26.70 -25.12 -4.44
CA TYR C 285 26.31 -26.50 -4.84
C TYR C 285 26.66 -27.45 -3.70
N ARG C 286 26.48 -28.75 -3.91
CA ARG C 286 26.41 -29.70 -2.77
C ARG C 286 27.48 -30.79 -2.89
N PHE C 287 28.68 -30.46 -3.41
CA PHE C 287 29.73 -31.48 -3.61
C PHE C 287 30.17 -31.98 -2.23
N VAL C 288 30.43 -31.06 -1.32
CA VAL C 288 30.84 -31.35 0.08
C VAL C 288 29.73 -32.16 0.77
N GLU C 289 28.56 -31.54 0.96
CA GLU C 289 27.36 -32.08 1.68
C GLU C 289 26.87 -33.44 1.11
N ASP C 290 27.00 -33.73 -0.19
CA ASP C 290 26.72 -35.05 -0.81
C ASP C 290 27.89 -36.04 -0.58
N GLY C 291 28.83 -35.76 0.34
CA GLY C 291 29.99 -36.62 0.63
C GLY C 291 30.99 -36.68 -0.51
N LEU C 292 31.46 -35.52 -0.99
CA LEU C 292 32.39 -35.36 -2.14
C LEU C 292 31.97 -36.28 -3.28
N THR C 293 30.71 -36.18 -3.70
CA THR C 293 30.14 -36.92 -4.87
C THR C 293 29.39 -35.97 -5.82
N ILE C 294 29.33 -36.37 -7.07
CA ILE C 294 28.54 -35.78 -8.16
C ILE C 294 27.76 -36.96 -8.72
N GLY C 295 26.49 -36.78 -9.05
CA GLY C 295 25.69 -37.73 -9.87
C GLY C 295 24.97 -38.77 -9.01
N LYS C 296 24.80 -38.50 -7.71
CA LYS C 296 24.06 -39.36 -6.75
C LYS C 296 22.55 -39.06 -6.80
N PRO C 297 21.70 -40.10 -7.04
CA PRO C 297 20.28 -40.04 -6.67
C PRO C 297 20.06 -39.90 -5.14
N GLU C 327 -0.72 -9.74 -13.16
CA GLU C 327 -0.15 -10.41 -14.36
C GLU C 327 0.62 -9.40 -15.23
N ARG C 328 1.58 -9.87 -16.02
CA ARG C 328 2.26 -9.07 -17.08
C ARG C 328 1.68 -9.54 -18.42
N SER C 329 1.14 -8.61 -19.20
CA SER C 329 0.60 -8.87 -20.56
C SER C 329 1.77 -8.95 -21.54
N PHE C 330 1.61 -9.71 -22.62
CA PHE C 330 2.63 -9.87 -23.69
C PHE C 330 3.05 -8.49 -24.21
N GLU C 331 2.09 -7.57 -24.33
CA GLU C 331 2.29 -6.26 -24.98
C GLU C 331 3.18 -5.40 -24.08
N SER C 332 3.03 -5.53 -22.75
CA SER C 332 3.77 -4.73 -21.75
C SER C 332 5.27 -5.13 -21.75
N VAL C 333 5.64 -6.26 -22.34
CA VAL C 333 7.04 -6.80 -22.29
C VAL C 333 7.59 -7.11 -23.70
N GLN C 334 6.78 -7.01 -24.75
CA GLN C 334 7.23 -7.39 -26.11
C GLN C 334 8.56 -6.69 -26.45
N TYR C 335 8.82 -5.47 -25.97
CA TYR C 335 10.00 -4.67 -26.42
C TYR C 335 11.33 -5.30 -25.92
N MET C 336 11.29 -5.98 -24.78
CA MET C 336 12.50 -6.52 -24.11
C MET C 336 12.76 -7.97 -24.57
N LEU C 337 11.92 -8.54 -25.46
CA LEU C 337 11.99 -9.95 -25.90
C LEU C 337 12.85 -10.10 -27.16
N TYR C 338 13.82 -11.01 -27.15
CA TYR C 338 14.63 -11.31 -28.36
C TYR C 338 13.70 -12.05 -29.33
N PRO C 339 13.98 -11.99 -30.66
CA PRO C 339 13.07 -12.51 -31.67
C PRO C 339 12.54 -13.94 -31.49
N GLU C 340 13.43 -14.93 -31.33
CA GLU C 340 13.04 -16.36 -31.20
C GLU C 340 12.12 -16.51 -29.98
N LEU C 341 12.30 -15.73 -28.90
CA LEU C 341 11.41 -15.85 -27.71
C LEU C 341 10.04 -15.15 -27.99
N LYS C 342 10.03 -14.01 -28.69
CA LYS C 342 8.82 -13.30 -29.18
C LYS C 342 8.00 -14.28 -30.04
N GLU C 343 8.62 -14.87 -31.05
CA GLU C 343 7.95 -15.87 -31.92
C GLU C 343 7.49 -17.09 -31.13
N ALA C 344 8.30 -17.62 -30.21
CA ALA C 344 8.00 -18.87 -29.49
C ALA C 344 6.75 -18.68 -28.61
N LEU C 345 6.69 -17.57 -27.88
CA LEU C 345 5.55 -17.21 -26.99
C LEU C 345 4.24 -16.99 -27.80
N GLN C 346 4.32 -16.82 -29.12
CA GLN C 346 3.13 -16.53 -29.98
C GLN C 346 2.81 -17.77 -30.80
N LEU C 347 3.31 -18.94 -30.37
CA LEU C 347 3.13 -20.21 -31.12
C LEU C 347 1.67 -20.63 -30.91
N PRO C 348 0.90 -20.78 -32.01
CA PRO C 348 -0.47 -21.32 -31.95
C PRO C 348 -0.47 -22.79 -31.50
N ILE C 349 -1.32 -23.09 -30.52
CA ILE C 349 -1.53 -24.47 -29.95
C ILE C 349 -1.77 -25.44 -31.11
N THR C 350 -2.51 -24.99 -32.13
CA THR C 350 -2.95 -25.81 -33.28
C THR C 350 -1.71 -26.36 -34.02
N GLU C 351 -0.58 -25.64 -33.95
CA GLU C 351 0.64 -25.89 -34.77
C GLU C 351 1.56 -26.88 -34.05
N MET C 352 1.41 -27.04 -32.74
CA MET C 352 2.19 -27.97 -31.86
C MET C 352 1.86 -29.43 -32.21
N CYS C 353 2.61 -30.38 -31.66
CA CYS C 353 2.26 -31.82 -31.62
C CYS C 353 1.07 -31.98 -30.65
N GLN C 354 -0.04 -32.50 -31.20
CA GLN C 354 -1.30 -32.75 -30.46
C GLN C 354 -1.12 -33.98 -29.54
N LYS C 355 -0.32 -34.95 -30.02
CA LYS C 355 0.01 -36.24 -29.35
C LYS C 355 0.74 -36.00 -28.01
N CYS C 356 1.55 -34.94 -27.86
CA CYS C 356 2.26 -34.61 -26.59
C CYS C 356 1.25 -34.15 -25.53
N THR C 357 1.52 -34.39 -24.26
CA THR C 357 0.58 -34.12 -23.14
C THR C 357 0.87 -32.78 -22.48
N ARG C 358 0.00 -31.79 -22.70
CA ARG C 358 0.02 -30.48 -21.98
C ARG C 358 -0.75 -30.62 -20.65
N ARG C 359 -0.94 -29.51 -19.94
CA ARG C 359 -1.73 -29.42 -18.70
C ARG C 359 -2.43 -28.05 -18.64
N GLU C 360 -3.63 -28.04 -18.08
CA GLU C 360 -4.31 -26.82 -17.55
C GLU C 360 -3.25 -25.96 -16.85
N VAL C 361 -2.65 -26.48 -15.77
CA VAL C 361 -1.74 -25.73 -14.84
C VAL C 361 -0.57 -26.65 -14.45
N TYR C 362 0.64 -26.08 -14.47
CA TYR C 362 1.90 -26.76 -14.11
C TYR C 362 2.33 -26.23 -12.75
N GLY C 369 10.28 -38.40 -9.34
CA GLY C 369 10.60 -39.05 -10.63
C GLY C 369 10.20 -38.21 -11.83
N GLN C 370 9.40 -37.14 -11.61
CA GLN C 370 8.73 -36.38 -12.70
C GLN C 370 9.31 -34.94 -12.79
N PHE C 371 9.63 -34.51 -14.02
CA PHE C 371 9.86 -33.10 -14.40
C PHE C 371 8.49 -32.41 -14.53
N GLY C 372 8.47 -31.07 -14.45
CA GLY C 372 7.28 -30.28 -14.06
C GLY C 372 6.43 -29.79 -15.22
N GLY C 373 6.76 -30.13 -16.48
CA GLY C 373 6.15 -29.51 -17.68
C GLY C 373 5.48 -30.49 -18.62
N VAL C 374 5.55 -30.20 -19.92
CA VAL C 374 5.00 -31.02 -21.04
C VAL C 374 5.73 -32.35 -21.07
N VAL C 375 4.96 -33.43 -21.17
CA VAL C 375 5.48 -34.82 -21.39
C VAL C 375 5.36 -35.14 -22.88
N LEU C 376 6.49 -35.39 -23.56
CA LEU C 376 6.53 -35.66 -25.01
C LEU C 376 5.83 -36.98 -25.32
N CYS C 377 5.19 -37.08 -26.49
CA CYS C 377 4.78 -38.36 -27.13
C CYS C 377 6.04 -39.17 -27.44
N LYS C 378 5.93 -40.43 -27.83
CA LYS C 378 7.08 -41.31 -28.17
C LYS C 378 7.71 -40.79 -29.45
N ASP C 379 6.89 -40.31 -30.38
CA ASP C 379 7.37 -39.85 -31.72
C ASP C 379 8.28 -38.63 -31.55
N SER C 380 7.98 -37.81 -30.53
CA SER C 380 8.63 -36.49 -30.26
C SER C 380 9.95 -36.69 -29.48
N GLN C 381 9.95 -37.57 -28.48
CA GLN C 381 11.19 -38.03 -27.80
C GLN C 381 12.22 -38.47 -28.86
N GLU C 382 11.87 -39.41 -29.72
CA GLU C 382 12.83 -40.00 -30.70
C GLU C 382 13.27 -38.94 -31.73
N GLU C 383 12.55 -37.82 -31.89
CA GLU C 383 12.98 -36.70 -32.78
C GLU C 383 14.07 -35.86 -32.09
N TRP C 384 13.86 -35.58 -30.80
CA TRP C 384 14.79 -34.88 -29.89
C TRP C 384 16.08 -35.70 -29.78
N ARG C 385 15.97 -36.89 -29.19
CA ARG C 385 17.07 -37.86 -29.01
C ARG C 385 17.88 -37.98 -30.30
N HIS C 386 17.25 -37.90 -31.46
CA HIS C 386 18.00 -37.96 -32.75
C HIS C 386 18.75 -36.64 -33.02
N TYR C 387 18.14 -35.48 -32.69
CA TYR C 387 18.73 -34.13 -32.95
C TYR C 387 20.03 -33.99 -32.11
N VAL C 388 19.92 -34.38 -30.84
CA VAL C 388 20.97 -34.36 -29.80
C VAL C 388 22.10 -35.34 -30.15
N ARG C 389 21.81 -36.55 -30.63
CA ARG C 389 22.85 -37.55 -31.01
C ARG C 389 23.49 -37.12 -32.33
N SER C 390 22.87 -36.21 -33.10
CA SER C 390 23.41 -35.70 -34.38
C SER C 390 24.27 -34.45 -34.18
N SER C 391 24.56 -34.06 -32.92
CA SER C 391 25.23 -32.79 -32.53
C SER C 391 26.56 -32.62 -33.27
N GLU C 392 27.36 -33.68 -33.34
CA GLU C 392 28.75 -33.57 -33.86
C GLU C 392 28.72 -33.08 -35.32
N SER C 393 27.90 -33.71 -36.16
CA SER C 393 27.80 -33.41 -37.62
C SER C 393 27.44 -31.93 -37.81
N ARG C 394 26.48 -31.45 -37.02
CA ARG C 394 25.94 -30.06 -37.02
C ARG C 394 27.02 -29.08 -36.54
N HIS C 395 27.58 -29.33 -35.36
CA HIS C 395 28.59 -28.45 -34.70
C HIS C 395 29.82 -28.28 -35.60
N LEU C 396 30.21 -29.29 -36.38
CA LEU C 396 31.48 -29.20 -37.14
C LEU C 396 31.35 -28.17 -38.27
N ASP C 397 30.16 -27.94 -38.83
CA ASP C 397 30.05 -26.86 -39.86
C ASP C 397 29.70 -25.55 -39.16
N TRP C 398 28.87 -25.54 -38.12
CA TRP C 398 28.53 -24.32 -37.35
C TRP C 398 29.80 -23.70 -36.75
N LEU C 399 30.72 -24.51 -36.21
CA LEU C 399 31.93 -24.04 -35.47
C LEU C 399 33.12 -23.86 -36.41
N GLY C 400 32.93 -24.16 -37.70
CA GLY C 400 33.92 -23.91 -38.77
C GLY C 400 35.16 -24.79 -38.64
N PHE C 401 35.03 -26.05 -38.22
CA PHE C 401 36.14 -27.03 -38.19
C PHE C 401 36.59 -27.36 -39.61
N LEU C 402 35.68 -27.82 -40.47
CA LEU C 402 36.02 -28.35 -41.83
C LEU C 402 36.89 -27.31 -42.54
N ASN C 403 36.43 -26.06 -42.65
CA ASN C 403 37.23 -24.91 -43.16
C ASN C 403 38.35 -24.61 -42.16
#